data_8DQQ
#
_entry.id   8DQQ
#
_cell.length_a   57.907
_cell.length_b   58.771
_cell.length_c   273.611
_cell.angle_alpha   90.000
_cell.angle_beta   90.000
_cell.angle_gamma   90.000
#
_symmetry.space_group_name_H-M   'P 21 21 21'
#
loop_
_entity.id
_entity.type
_entity.pdbx_description
1 polymer 'Coumarin Synthase'
2 non-polymer 7-hydroxy-2H-chromen-2-one
3 non-polymer 'CALCIUM ION'
4 non-polymer 'ACETATE ION'
5 water water
#
_entity_poly.entity_id   1
_entity_poly.type   'polypeptide(L)'
_entity_poly.pdbx_seq_one_letter_code
;MATLEITDIALVQPSHQPLSNDQTLSLSHLDNDNNLHVSFRYLRVYSSSSSTVAGESPSAVVSASLATALVHYYPLAGSL
RRSASDNRFELLCSAGQSVPLVNATVNCTLESVGYLDGPDPGFVERLVPDPTREEGMVNPCILQVTMFQCGGWVLGASIH
HAICDGLGASLFFNAMAELARGATKISIEPVWDRERLLGPREKPWVGAPVRDFLSLDKDFDPYGQAIGDVKRDCFFVTDD
SLDQLKAQLLEKSGLNFTTFEALGAYIWRAKVRAAKTEEKENVKFVYSINIRRLMNPPLPKGYWGNGCVPMYAQIKAGEL
IEQPIWKTAELIKQSKSNTSDEYVRSFIDFQELHHKDGINAGTGVTGFTDWRYLGHSTIDFGWGGPVTVLPLSNKLLGSM
EPCFFLPYSTDAAAGSKKDSGFKVLVNLRESAMPEFKEAMDKFHKGEFALS
;
_entity_poly.pdbx_strand_id   A,B
#
# COMPACT_ATOMS: atom_id res chain seq x y z
N ALA A 2 -14.02 -14.55 4.46
CA ALA A 2 -13.33 -13.96 5.60
C ALA A 2 -13.46 -12.44 5.56
N THR A 3 -13.11 -11.78 6.66
CA THR A 3 -13.30 -10.34 6.78
C THR A 3 -12.29 -9.80 7.78
N LEU A 4 -11.35 -8.99 7.31
CA LEU A 4 -10.39 -8.31 8.17
C LEU A 4 -10.72 -6.82 8.20
N GLU A 5 -10.88 -6.28 9.40
CA GLU A 5 -11.05 -4.84 9.59
C GLU A 5 -9.80 -4.24 10.21
N ILE A 6 -9.41 -3.08 9.71
CA ILE A 6 -8.49 -2.20 10.40
C ILE A 6 -9.30 -1.32 11.35
N THR A 7 -8.94 -1.33 12.63
CA THR A 7 -9.69 -0.60 13.64
C THR A 7 -9.10 0.77 13.94
N ASP A 8 -7.77 0.87 14.00
CA ASP A 8 -7.10 2.15 14.18
C ASP A 8 -5.62 1.97 13.87
N ILE A 9 -4.90 3.08 13.80
CA ILE A 9 -3.47 3.11 13.59
C ILE A 9 -2.86 4.00 14.65
N ALA A 10 -2.04 3.41 15.53
CA ALA A 10 -1.41 4.13 16.63
C ALA A 10 0.01 4.50 16.24
N LEU A 11 0.32 5.79 16.30
CA LEU A 11 1.65 6.30 15.93
C LEU A 11 2.50 6.34 17.19
N VAL A 12 3.28 5.29 17.39
CA VAL A 12 4.03 5.10 18.64
C VAL A 12 5.35 5.84 18.54
N GLN A 13 5.52 6.87 19.34
CA GLN A 13 6.74 7.64 19.44
C GLN A 13 7.65 7.04 20.51
N PRO A 14 8.94 7.39 20.51
CA PRO A 14 9.80 6.91 21.61
C PRO A 14 9.38 7.53 22.94
N SER A 15 9.64 6.78 24.01
CA SER A 15 9.21 7.22 25.34
C SER A 15 9.92 8.50 25.76
N HIS A 16 11.26 8.47 25.79
CA HIS A 16 12.01 9.59 26.35
C HIS A 16 12.85 10.29 25.29
N GLN A 17 12.19 10.63 24.15
CA GLN A 17 12.67 11.32 22.96
C GLN A 17 14.12 11.77 23.05
N PRO A 18 15.04 11.14 22.33
CA PRO A 18 16.46 11.44 22.50
C PRO A 18 16.96 12.60 21.65
N LEU A 19 16.12 13.23 20.83
CA LEU A 19 16.59 14.19 19.83
C LEU A 19 16.08 15.58 20.15
N SER A 20 16.99 16.55 20.18
CA SER A 20 16.62 17.96 20.10
C SER A 20 16.88 18.40 18.67
N ASN A 21 18.15 18.41 18.30
CA ASN A 21 18.52 18.62 16.91
C ASN A 21 17.96 17.50 16.05
N ASP A 22 17.49 17.85 14.86
CA ASP A 22 17.25 16.83 13.85
C ASP A 22 18.58 16.19 13.47
N GLN A 23 18.54 14.91 13.13
CA GLN A 23 19.76 14.16 12.84
C GLN A 23 19.60 13.41 11.53
N THR A 24 20.46 13.73 10.56
CA THR A 24 20.55 12.96 9.33
C THR A 24 21.60 11.86 9.54
N LEU A 25 21.17 10.61 9.38
CA LEU A 25 22.06 9.48 9.55
C LEU A 25 22.42 8.88 8.19
N SER A 26 23.71 8.71 7.96
CA SER A 26 24.19 8.11 6.72
C SER A 26 24.15 6.60 6.79
N LEU A 27 23.73 5.98 5.70
CA LEU A 27 23.69 4.54 5.55
C LEU A 27 24.96 4.07 4.84
N SER A 28 25.22 2.78 4.93
CA SER A 28 26.45 2.22 4.37
C SER A 28 26.21 1.76 2.94
N HIS A 29 27.32 1.44 2.26
CA HIS A 29 27.21 1.01 0.87
C HIS A 29 26.52 -0.35 0.75
N LEU A 30 26.56 -1.14 1.82
CA LEU A 30 25.69 -2.30 1.90
C LEU A 30 24.23 -1.89 2.00
N ASP A 31 23.94 -0.88 2.82
CA ASP A 31 22.58 -0.38 2.97
C ASP A 31 22.04 0.20 1.66
N ASN A 32 22.88 0.86 0.87
CA ASN A 32 22.44 1.57 -0.33
C ASN A 32 22.58 0.73 -1.60
N ASP A 33 22.74 -0.59 -1.48
CA ASP A 33 22.64 -1.47 -2.64
C ASP A 33 21.26 -1.34 -3.25
N ASN A 34 21.21 -1.00 -4.54
CA ASN A 34 19.94 -0.75 -5.21
C ASN A 34 18.99 -1.94 -5.14
N ASN A 35 19.52 -3.16 -5.02
CA ASN A 35 18.69 -4.33 -4.79
C ASN A 35 18.02 -4.34 -3.42
N LEU A 36 18.41 -3.42 -2.54
CA LEU A 36 17.79 -3.30 -1.23
C LEU A 36 16.81 -2.14 -1.15
N HIS A 37 16.56 -1.45 -2.26
CA HIS A 37 15.56 -0.38 -2.30
C HIS A 37 14.19 -1.01 -2.54
N VAL A 38 13.73 -1.77 -1.53
CA VAL A 38 12.45 -2.44 -1.54
C VAL A 38 11.97 -2.61 -0.10
N SER A 39 10.67 -2.81 0.07
CA SER A 39 10.08 -3.06 1.37
C SER A 39 9.91 -4.56 1.55
N PHE A 40 10.53 -5.10 2.60
CA PHE A 40 10.41 -6.52 2.92
C PHE A 40 9.25 -6.73 3.89
N ARG A 41 8.37 -7.65 3.56
CA ARG A 41 7.14 -7.89 4.31
C ARG A 41 7.13 -9.33 4.80
N TYR A 42 6.99 -9.52 6.11
CA TYR A 42 6.84 -10.84 6.69
C TYR A 42 6.03 -10.71 7.96
N LEU A 43 5.51 -11.85 8.41
CA LEU A 43 4.64 -11.90 9.57
C LEU A 43 5.05 -13.04 10.50
N ARG A 44 4.67 -12.89 11.76
CA ARG A 44 4.82 -13.93 12.78
C ARG A 44 3.47 -14.22 13.38
N VAL A 45 3.16 -15.50 13.57
CA VAL A 45 1.87 -15.95 14.09
C VAL A 45 2.09 -16.51 15.49
N TYR A 46 1.32 -16.02 16.46
CA TYR A 46 1.46 -16.43 17.85
C TYR A 46 0.23 -17.17 18.33
N SER A 47 0.36 -17.85 19.46
CA SER A 47 -0.67 -18.73 19.98
C SER A 47 -1.05 -18.32 21.40
N SER A 48 -2.10 -18.94 21.91
CA SER A 48 -2.53 -18.82 23.32
C SER A 48 -2.53 -17.39 23.91
N GLU A 56 -2.99 -6.09 29.27
CA GLU A 56 -2.01 -7.09 28.88
C GLU A 56 -2.40 -7.75 27.56
N SER A 57 -2.86 -6.93 26.63
CA SER A 57 -3.23 -7.40 25.30
C SER A 57 -2.06 -7.27 24.34
N PRO A 58 -1.94 -8.17 23.36
CA PRO A 58 -0.78 -8.10 22.44
C PRO A 58 -0.58 -6.73 21.80
N SER A 59 -1.66 -6.02 21.48
CA SER A 59 -1.53 -4.68 20.92
C SER A 59 -0.86 -3.73 21.91
N ALA A 60 -1.31 -3.74 23.17
CA ALA A 60 -0.78 -2.82 24.16
C ALA A 60 0.63 -3.21 24.57
N VAL A 61 0.90 -4.51 24.68
CA VAL A 61 2.23 -4.97 25.08
C VAL A 61 3.26 -4.62 24.02
N VAL A 62 2.94 -4.87 22.74
CA VAL A 62 3.87 -4.57 21.66
C VAL A 62 4.17 -3.07 21.60
N SER A 63 3.12 -2.25 21.70
CA SER A 63 3.31 -0.80 21.58
C SER A 63 4.11 -0.24 22.74
N ALA A 64 3.91 -0.79 23.94
CA ALA A 64 4.67 -0.30 25.10
C ALA A 64 6.15 -0.66 24.97
N SER A 65 6.46 -1.87 24.52
CA SER A 65 7.86 -2.25 24.34
C SER A 65 8.44 -1.65 23.06
N LEU A 66 7.60 -1.37 22.07
CA LEU A 66 8.06 -0.67 20.88
C LEU A 66 8.56 0.73 21.24
N ALA A 67 7.77 1.45 22.05
CA ALA A 67 8.12 2.83 22.40
C ALA A 67 9.45 2.92 23.14
N THR A 68 9.69 2.03 24.10
CA THR A 68 10.93 2.08 24.85
C THR A 68 12.12 1.66 23.99
N ALA A 69 11.90 0.71 23.08
CA ALA A 69 12.94 0.30 22.15
C ALA A 69 13.38 1.46 21.26
N LEU A 70 12.43 2.28 20.80
CA LEU A 70 12.70 3.42 19.93
C LEU A 70 13.54 4.52 20.59
N VAL A 71 13.82 4.46 21.90
CA VAL A 71 14.77 5.41 22.46
C VAL A 71 16.18 5.09 22.01
N HIS A 72 16.50 3.80 21.88
CA HIS A 72 17.75 3.37 21.26
C HIS A 72 17.59 3.06 19.78
N TYR A 73 16.38 2.76 19.33
CA TYR A 73 16.13 2.43 17.93
C TYR A 73 15.28 3.49 17.25
N TYR A 74 15.63 4.77 17.44
CA TYR A 74 14.87 5.88 16.90
C TYR A 74 14.96 6.04 15.38
N PRO A 75 16.04 5.61 14.71
CA PRO A 75 16.07 5.75 13.24
C PRO A 75 14.92 5.06 12.52
N LEU A 76 14.31 4.05 13.12
CA LEU A 76 13.17 3.38 12.49
C LEU A 76 11.96 4.29 12.38
N ALA A 77 11.95 5.41 13.10
CA ALA A 77 10.86 6.37 12.97
C ALA A 77 11.07 7.31 11.78
N GLY A 78 12.33 7.65 11.49
CA GLY A 78 12.64 8.65 10.49
C GLY A 78 12.30 8.26 9.06
N SER A 79 12.66 9.16 8.15
CA SER A 79 12.35 9.04 6.74
C SER A 79 13.61 8.81 5.93
N LEU A 80 13.45 8.12 4.81
CA LEU A 80 14.53 7.87 3.87
C LEU A 80 14.43 8.88 2.74
N ARG A 81 15.47 9.70 2.59
CA ARG A 81 15.54 10.69 1.52
C ARG A 81 16.84 10.54 0.75
N ARG A 82 16.81 10.99 -0.50
CA ARG A 82 18.01 11.03 -1.33
C ARG A 82 18.79 12.30 -1.03
N SER A 83 20.06 12.16 -0.68
CA SER A 83 20.86 13.28 -0.23
C SER A 83 21.02 14.30 -1.36
N ALA A 84 21.50 15.49 -0.99
CA ALA A 84 21.72 16.54 -1.97
C ALA A 84 22.87 16.21 -2.89
N SER A 85 23.99 15.74 -2.32
CA SER A 85 25.20 15.55 -3.11
C SER A 85 25.07 14.38 -4.09
N ASP A 86 24.22 13.41 -3.80
CA ASP A 86 24.09 12.23 -4.65
C ASP A 86 22.76 11.55 -4.36
N ASN A 87 22.43 10.57 -5.21
CA ASN A 87 21.22 9.75 -5.07
C ASN A 87 21.15 9.10 -3.70
N ARG A 88 22.31 8.85 -3.09
CA ARG A 88 22.41 7.96 -1.95
C ARG A 88 21.39 8.31 -0.87
N PHE A 89 20.84 7.28 -0.26
CA PHE A 89 19.85 7.42 0.78
C PHE A 89 20.49 7.86 2.08
N GLU A 90 19.91 8.88 2.71
CA GLU A 90 20.24 9.28 4.07
C GLU A 90 18.97 9.23 4.91
N LEU A 91 19.16 9.01 6.21
CA LEU A 91 18.06 8.75 7.14
C LEU A 91 17.82 9.99 7.97
N LEU A 92 16.69 10.65 7.74
CA LEU A 92 16.35 11.88 8.45
C LEU A 92 15.67 11.52 9.77
N CYS A 93 16.32 11.82 10.89
CA CYS A 93 15.77 11.59 12.21
C CYS A 93 15.53 12.93 12.89
N SER A 94 14.32 13.10 13.42
CA SER A 94 13.96 14.34 14.08
C SER A 94 13.00 14.03 15.24
N ALA A 95 12.89 15.00 16.14
CA ALA A 95 11.96 14.88 17.26
C ALA A 95 10.53 14.93 16.76
N GLY A 96 9.69 14.01 17.25
CA GLY A 96 8.31 13.92 16.85
C GLY A 96 7.97 12.76 15.93
N GLN A 97 8.97 12.14 15.30
CA GLN A 97 8.73 11.05 14.37
C GLN A 97 8.26 9.80 15.10
N SER A 98 7.57 8.93 14.36
CA SER A 98 6.92 7.78 14.98
C SER A 98 6.94 6.58 14.04
N VAL A 99 6.54 5.43 14.58
CA VAL A 99 6.40 4.20 13.81
C VAL A 99 4.92 3.82 13.82
N PRO A 100 4.25 3.75 12.67
CA PRO A 100 2.83 3.38 12.68
C PRO A 100 2.64 1.92 13.09
N LEU A 101 1.65 1.70 13.96
CA LEU A 101 1.26 0.36 14.41
C LEU A 101 -0.21 0.16 14.05
N VAL A 102 -0.47 -0.41 12.87
CA VAL A 102 -1.83 -0.73 12.49
C VAL A 102 -2.41 -1.74 13.46
N ASN A 103 -3.66 -1.52 13.87
CA ASN A 103 -4.40 -2.44 14.71
C ASN A 103 -5.59 -2.97 13.92
N ALA A 104 -5.76 -4.29 13.94
CA ALA A 104 -6.72 -4.93 13.05
C ALA A 104 -7.30 -6.16 13.74
N THR A 105 -8.40 -6.65 13.19
CA THR A 105 -9.08 -7.84 13.68
C THR A 105 -9.56 -8.69 12.52
N VAL A 106 -9.84 -9.95 12.82
CA VAL A 106 -10.50 -10.86 11.88
C VAL A 106 -11.30 -11.84 12.70
N ASN A 107 -12.40 -12.32 12.14
CA ASN A 107 -13.38 -13.11 12.88
C ASN A 107 -13.11 -14.60 12.84
N CYS A 108 -11.87 -15.01 12.61
CA CYS A 108 -11.48 -16.41 12.66
C CYS A 108 -10.81 -16.71 13.99
N THR A 109 -10.47 -17.98 14.18
CA THR A 109 -9.96 -18.47 15.46
C THR A 109 -8.48 -18.84 15.41
N LEU A 110 -7.82 -18.63 14.27
CA LEU A 110 -6.42 -18.98 14.01
C LEU A 110 -6.28 -20.49 13.82
N GLU A 111 -6.91 -21.28 14.68
CA GLU A 111 -6.98 -22.72 14.40
C GLU A 111 -7.94 -23.00 13.24
N SER A 112 -8.92 -22.11 13.04
CA SER A 112 -9.87 -22.30 11.95
C SER A 112 -9.19 -22.15 10.58
N VAL A 113 -8.15 -21.33 10.50
CA VAL A 113 -7.49 -21.07 9.22
C VAL A 113 -6.24 -21.91 9.01
N GLY A 114 -6.15 -23.07 9.68
CA GLY A 114 -4.96 -23.90 9.61
C GLY A 114 -3.73 -23.11 9.98
N TYR A 115 -3.78 -22.50 11.17
CA TYR A 115 -2.96 -21.34 11.53
C TYR A 115 -2.64 -20.52 10.29
N LEU A 116 -1.40 -20.51 9.82
CA LEU A 116 -1.14 -19.85 8.54
C LEU A 116 -0.19 -20.66 7.68
N ASP A 117 -0.27 -21.99 7.75
CA ASP A 117 0.56 -22.85 6.90
C ASP A 117 -0.18 -23.18 5.60
N GLY A 118 -1.23 -23.99 5.69
CA GLY A 118 -1.99 -24.40 4.53
C GLY A 118 -2.54 -23.22 3.77
N PRO A 119 -2.09 -23.04 2.51
CA PRO A 119 -2.47 -21.91 1.66
C PRO A 119 -3.85 -22.09 1.02
N GLY A 122 -7.27 -17.15 2.77
CA GLY A 122 -6.93 -16.19 1.75
C GLY A 122 -7.26 -14.76 2.12
N PHE A 123 -6.59 -14.25 3.16
CA PHE A 123 -6.63 -12.82 3.46
C PHE A 123 -5.27 -12.34 3.97
N VAL A 124 -4.20 -13.05 3.62
CA VAL A 124 -2.89 -12.81 4.22
C VAL A 124 -2.23 -11.56 3.68
N GLU A 125 -2.50 -11.18 2.43
CA GLU A 125 -1.86 -9.99 1.87
C GLU A 125 -2.30 -8.72 2.59
N ARG A 126 -3.39 -8.78 3.34
CA ARG A 126 -3.84 -7.67 4.17
C ARG A 126 -3.23 -7.70 5.57
N LEU A 127 -2.57 -8.79 5.95
CA LEU A 127 -2.07 -8.95 7.31
C LEU A 127 -0.88 -8.04 7.56
N VAL A 128 -0.51 -7.25 6.55
CA VAL A 128 0.58 -6.28 6.67
C VAL A 128 0.48 -5.32 5.49
N PRO A 129 0.78 -4.04 5.67
CA PRO A 129 0.71 -3.09 4.55
C PRO A 129 1.74 -3.40 3.48
N ASP A 130 1.46 -2.89 2.28
CA ASP A 130 2.22 -3.22 1.07
C ASP A 130 2.58 -1.93 0.33
N PRO A 131 3.53 -1.18 0.87
CA PRO A 131 3.93 0.08 0.22
C PRO A 131 4.86 -0.18 -0.95
N THR A 132 4.82 0.74 -1.90
CA THR A 132 5.77 0.70 -2.99
C THR A 132 7.15 1.05 -2.45
N ARG A 133 8.17 0.98 -3.31
CA ARG A 133 9.53 1.24 -2.86
C ARG A 133 9.75 2.71 -2.51
N GLU A 134 9.10 3.62 -3.22
CA GLU A 134 9.21 5.05 -2.89
C GLU A 134 8.37 5.40 -1.67
N GLU A 135 7.12 4.93 -1.63
CA GLU A 135 6.29 5.06 -0.44
C GLU A 135 6.99 4.47 0.77
N GLY A 136 7.68 3.34 0.59
CA GLY A 136 8.40 2.73 1.68
C GLY A 136 9.51 3.59 2.25
N MET A 137 9.94 4.61 1.51
CA MET A 137 10.94 5.52 2.05
C MET A 137 10.33 6.56 2.98
N VAL A 138 9.05 6.89 2.77
CA VAL A 138 8.37 7.81 3.69
C VAL A 138 8.09 7.12 5.01
N ASN A 139 7.61 5.88 4.96
CA ASN A 139 7.31 5.07 6.14
C ASN A 139 8.14 3.80 6.07
N PRO A 140 9.37 3.83 6.58
CA PRO A 140 10.25 2.65 6.41
C PRO A 140 9.83 1.48 7.28
N CYS A 141 9.49 1.72 8.54
CA CYS A 141 9.17 0.66 9.49
C CYS A 141 7.69 0.73 9.83
N ILE A 142 6.94 -0.29 9.44
CA ILE A 142 5.49 -0.33 9.68
C ILE A 142 5.18 -1.66 10.37
N LEU A 143 4.72 -1.58 11.62
CA LEU A 143 4.29 -2.76 12.34
C LEU A 143 2.77 -2.84 12.34
N GLN A 144 2.25 -4.06 12.51
CA GLN A 144 0.80 -4.26 12.52
C GLN A 144 0.45 -5.45 13.41
N VAL A 145 -0.39 -5.22 14.41
CA VAL A 145 -0.88 -6.28 15.28
C VAL A 145 -2.33 -6.58 14.90
N THR A 146 -2.62 -7.85 14.60
CA THR A 146 -3.94 -8.26 14.18
C THR A 146 -4.43 -9.40 15.08
N MET A 147 -5.60 -9.24 15.66
CA MET A 147 -6.14 -10.19 16.62
C MET A 147 -7.12 -11.15 15.96
N PHE A 148 -7.08 -12.40 16.40
CA PHE A 148 -8.01 -13.43 15.98
C PHE A 148 -8.83 -13.86 17.19
N GLN A 149 -10.00 -14.45 16.94
CA GLN A 149 -10.97 -14.75 18.00
C GLN A 149 -10.36 -15.60 19.10
N CYS A 150 -10.04 -16.87 18.81
CA CYS A 150 -9.40 -17.70 19.82
C CYS A 150 -8.07 -17.06 20.17
N GLY A 151 -8.06 -16.31 21.27
CA GLY A 151 -6.93 -15.53 21.76
C GLY A 151 -5.61 -15.82 21.09
N GLY A 152 -5.27 -15.04 20.07
CA GLY A 152 -4.07 -15.24 19.30
C GLY A 152 -3.98 -14.18 18.23
N TRP A 153 -2.76 -13.90 17.77
CA TRP A 153 -2.53 -12.70 16.99
C TRP A 153 -1.38 -12.92 16.01
N VAL A 154 -1.20 -11.94 15.12
CA VAL A 154 -0.18 -11.96 14.08
C VAL A 154 0.53 -10.62 14.09
N LEU A 155 1.86 -10.64 14.04
CA LEU A 155 2.66 -9.42 13.97
C LEU A 155 3.17 -9.27 12.54
N GLY A 156 2.67 -8.27 11.83
CA GLY A 156 3.14 -7.96 10.50
C GLY A 156 4.19 -6.86 10.53
N ALA A 157 5.14 -6.93 9.59
CA ALA A 157 6.22 -5.95 9.52
C ALA A 157 6.56 -5.68 8.07
N SER A 158 6.52 -4.40 7.68
CA SER A 158 7.06 -3.96 6.41
C SER A 158 8.22 -3.02 6.71
N ILE A 159 9.45 -3.47 6.42
CA ILE A 159 10.64 -2.70 6.69
C ILE A 159 11.39 -2.50 5.38
N HIS A 160 11.81 -1.26 5.13
CA HIS A 160 12.65 -0.97 3.97
C HIS A 160 14.02 -1.58 4.20
N HIS A 161 14.49 -2.34 3.20
CA HIS A 161 15.69 -3.16 3.39
C HIS A 161 16.95 -2.33 3.56
N ALA A 162 16.95 -1.07 3.11
CA ALA A 162 18.13 -0.22 3.27
C ALA A 162 18.46 0.06 4.72
N ILE A 163 17.50 -0.09 5.63
CA ILE A 163 17.75 0.29 7.02
C ILE A 163 18.37 -0.87 7.80
N CYS A 164 17.98 -2.11 7.52
CA CYS A 164 18.51 -3.24 8.28
C CYS A 164 18.34 -4.51 7.45
N ASP A 165 19.04 -5.56 7.87
CA ASP A 165 18.92 -6.88 7.26
C ASP A 165 18.14 -7.79 8.19
N GLY A 166 18.20 -9.09 7.91
CA GLY A 166 17.50 -10.08 8.70
C GLY A 166 17.90 -10.10 10.16
N LEU A 167 19.19 -10.34 10.43
CA LEU A 167 19.70 -10.34 11.80
C LEU A 167 19.60 -8.97 12.46
N GLY A 168 19.37 -7.89 11.69
CA GLY A 168 19.22 -6.57 12.26
C GLY A 168 17.82 -6.32 12.77
N ALA A 169 16.81 -6.74 12.01
CA ALA A 169 15.45 -6.76 12.52
C ALA A 169 15.25 -7.81 13.59
N SER A 170 16.22 -8.70 13.79
CA SER A 170 16.16 -9.66 14.90
C SER A 170 16.57 -9.01 16.20
N LEU A 171 17.68 -8.26 16.18
CA LEU A 171 18.13 -7.52 17.36
C LEU A 171 17.06 -6.53 17.83
N PHE A 172 16.41 -5.86 16.89
CA PHE A 172 15.38 -4.88 17.24
C PHE A 172 14.16 -5.57 17.86
N PHE A 173 13.75 -6.70 17.28
CA PHE A 173 12.56 -7.40 17.80
C PHE A 173 12.88 -8.18 19.06
N ASN A 174 14.08 -8.77 19.16
CA ASN A 174 14.48 -9.39 20.42
C ASN A 174 14.59 -8.37 21.54
N ALA A 175 14.93 -7.12 21.21
CA ALA A 175 14.91 -6.07 22.22
C ALA A 175 13.49 -5.65 22.57
N MET A 176 12.57 -5.76 21.60
CA MET A 176 11.15 -5.60 21.91
C MET A 176 10.65 -6.76 22.76
N ALA A 177 11.08 -7.97 22.43
CA ALA A 177 10.62 -9.18 23.12
C ALA A 177 11.10 -9.21 24.56
N GLU A 178 12.36 -8.84 24.79
CA GLU A 178 12.91 -8.90 26.15
C GLU A 178 12.28 -7.83 27.04
N LEU A 179 11.90 -6.67 26.49
CA LEU A 179 11.22 -5.66 27.30
C LEU A 179 9.79 -6.09 27.62
N ALA A 180 9.09 -6.69 26.66
CA ALA A 180 7.72 -7.10 26.91
C ALA A 180 7.65 -8.19 27.97
N ARG A 181 8.75 -8.94 28.15
CA ARG A 181 8.78 -9.95 29.20
C ARG A 181 9.09 -9.34 30.57
N GLY A 182 9.79 -8.21 30.61
CA GLY A 182 10.05 -7.54 31.86
C GLY A 182 11.50 -7.22 32.12
N ALA A 183 12.30 -7.09 31.06
CA ALA A 183 13.67 -6.66 31.23
C ALA A 183 13.72 -5.22 31.73
N THR A 184 14.60 -4.96 32.69
CA THR A 184 14.70 -3.63 33.26
C THR A 184 15.27 -2.64 32.26
N LYS A 185 16.25 -3.08 31.47
CA LYS A 185 16.81 -2.31 30.37
C LYS A 185 16.96 -3.24 29.18
N ILE A 186 17.55 -2.74 28.10
CA ILE A 186 17.84 -3.59 26.95
C ILE A 186 19.26 -4.13 27.09
N SER A 187 19.45 -5.37 26.66
CA SER A 187 20.69 -6.07 26.96
C SER A 187 21.83 -5.62 26.06
N ILE A 188 21.54 -5.30 24.80
CA ILE A 188 22.56 -4.91 23.82
C ILE A 188 22.19 -3.54 23.26
N GLU A 189 23.10 -2.59 23.42
CA GLU A 189 22.93 -1.29 22.78
C GLU A 189 23.14 -1.43 21.28
N PRO A 190 22.26 -0.84 20.47
CA PRO A 190 22.45 -0.89 19.01
C PRO A 190 23.47 0.15 18.55
N VAL A 191 24.34 -0.28 17.63
CA VAL A 191 25.44 0.53 17.15
C VAL A 191 25.11 1.03 15.74
N TRP A 192 25.29 2.33 15.51
CA TRP A 192 25.19 2.86 14.16
C TRP A 192 26.58 2.88 13.53
N ASP A 193 27.28 4.02 13.63
CA ASP A 193 28.68 4.12 13.21
C ASP A 193 28.87 3.59 11.79
N ARG A 194 27.90 3.87 10.93
CA ARG A 194 27.75 3.06 9.72
C ARG A 194 28.75 3.43 8.62
N GLU A 195 28.97 4.72 8.37
CA GLU A 195 29.92 5.07 7.31
C GLU A 195 31.36 4.80 7.74
N ARG A 196 31.62 4.65 9.04
CA ARG A 196 32.96 4.31 9.51
C ARG A 196 33.20 2.81 9.38
N LEU A 197 32.27 1.99 9.88
CA LEU A 197 32.45 0.55 9.87
C LEU A 197 32.54 0.00 8.46
N LEU A 198 31.50 0.22 7.66
CA LEU A 198 31.44 -0.34 6.32
C LEU A 198 31.65 0.73 5.26
N GLY A 199 32.73 1.48 5.37
CA GLY A 199 33.06 2.51 4.40
C GLY A 199 34.00 2.01 3.33
N PRO A 200 34.23 2.82 2.31
CA PRO A 200 35.14 2.43 1.22
C PRO A 200 36.59 2.76 1.54
N ARG A 201 37.49 2.03 0.89
CA ARG A 201 38.91 2.29 1.03
C ARG A 201 39.30 3.52 0.23
N GLU A 202 40.35 4.21 0.70
CA GLU A 202 40.78 5.44 0.05
C GLU A 202 41.12 5.21 -1.42
N LYS A 203 41.74 4.06 -1.72
CA LYS A 203 41.94 3.64 -3.09
C LYS A 203 40.99 2.48 -3.36
N PRO A 204 39.82 2.72 -3.94
CA PRO A 204 38.88 1.62 -4.20
C PRO A 204 39.52 0.55 -5.07
N TRP A 205 39.31 -0.71 -4.67
CA TRP A 205 39.80 -1.85 -5.44
C TRP A 205 38.75 -2.93 -5.44
N VAL A 206 38.44 -3.46 -6.63
CA VAL A 206 37.36 -4.42 -6.80
C VAL A 206 37.95 -5.68 -7.43
N GLY A 207 37.96 -6.77 -6.67
CA GLY A 207 38.45 -8.02 -7.18
C GLY A 207 37.52 -8.64 -8.21
N ALA A 208 38.05 -9.66 -8.89
CA ALA A 208 37.33 -10.43 -9.90
C ALA A 208 36.13 -11.19 -9.36
N PRO A 209 36.16 -11.77 -8.14
CA PRO A 209 34.95 -12.44 -7.65
C PRO A 209 33.71 -11.56 -7.65
N VAL A 210 33.87 -10.24 -7.56
CA VAL A 210 32.71 -9.37 -7.63
C VAL A 210 32.48 -8.86 -9.04
N ARG A 211 33.58 -8.53 -9.74
CA ARG A 211 33.48 -8.02 -11.11
C ARG A 211 32.81 -9.02 -12.05
N ASP A 212 33.03 -10.33 -11.84
CA ASP A 212 32.41 -11.35 -12.69
C ASP A 212 30.92 -11.51 -12.43
N PHE A 213 30.45 -11.03 -11.28
N PHE A 213 30.42 -11.01 -11.30
CA PHE A 213 29.07 -11.12 -10.80
CA PHE A 213 29.02 -11.17 -10.94
C PHE A 213 28.18 -10.01 -11.38
C PHE A 213 28.13 -9.99 -11.35
N LEU A 214 28.65 -8.77 -11.37
CA LEU A 214 27.82 -7.60 -11.61
C LEU A 214 28.19 -6.90 -12.91
N SER A 215 27.32 -5.97 -13.32
CA SER A 215 27.49 -5.17 -14.51
C SER A 215 26.90 -3.78 -14.26
N LEU A 216 27.07 -2.89 -15.24
CA LEU A 216 26.64 -1.50 -15.11
C LEU A 216 25.61 -1.17 -16.19
N ASP A 217 24.46 -0.66 -15.76
CA ASP A 217 23.37 -0.33 -16.68
C ASP A 217 22.42 0.63 -15.98
N LYS A 218 22.38 1.89 -16.45
CA LYS A 218 21.64 2.93 -15.73
C LYS A 218 20.14 2.70 -15.77
N ASP A 219 19.60 2.15 -16.86
CA ASP A 219 18.16 1.97 -17.00
C ASP A 219 17.78 0.49 -17.04
N PHE A 220 18.43 -0.32 -16.21
CA PHE A 220 17.94 -1.65 -15.89
C PHE A 220 17.31 -1.62 -14.49
N ASP A 221 16.10 -2.14 -14.38
CA ASP A 221 15.41 -2.29 -13.10
C ASP A 221 15.28 -3.77 -12.78
N PRO A 222 15.99 -4.28 -11.78
CA PRO A 222 15.88 -5.71 -11.45
C PRO A 222 14.48 -6.14 -11.03
N TYR A 223 13.68 -5.21 -10.52
CA TYR A 223 12.35 -5.52 -10.01
C TYR A 223 11.23 -5.09 -10.96
N GLY A 224 11.58 -4.55 -12.12
CA GLY A 224 10.59 -4.23 -13.13
C GLY A 224 10.80 -4.98 -14.43
N GLN A 225 11.13 -6.27 -14.33
CA GLN A 225 11.29 -7.09 -15.52
C GLN A 225 9.94 -7.57 -16.01
N ALA A 226 9.83 -7.80 -17.32
CA ALA A 226 8.54 -8.11 -17.93
C ALA A 226 8.49 -9.61 -18.21
N ILE A 227 8.11 -10.36 -17.17
CA ILE A 227 8.08 -11.81 -17.18
C ILE A 227 6.67 -12.35 -16.97
N GLY A 228 5.67 -11.47 -16.88
CA GLY A 228 4.35 -11.87 -16.45
C GLY A 228 4.18 -11.67 -14.97
N ASP A 229 3.13 -12.29 -14.44
CA ASP A 229 2.76 -12.13 -13.04
C ASP A 229 3.25 -13.32 -12.23
N VAL A 230 3.76 -13.03 -11.03
CA VAL A 230 4.45 -14.01 -10.21
C VAL A 230 3.46 -14.58 -9.20
N LYS A 231 3.31 -15.91 -9.21
CA LYS A 231 2.48 -16.60 -8.24
C LYS A 231 3.32 -17.11 -7.08
N ARG A 232 2.64 -17.46 -6.00
CA ARG A 232 3.29 -17.90 -4.77
C ARG A 232 2.68 -19.23 -4.36
N ASP A 233 3.54 -20.21 -4.04
CA ASP A 233 3.08 -21.55 -3.72
C ASP A 233 4.04 -22.21 -2.74
N CYS A 234 3.50 -23.07 -1.90
CA CYS A 234 4.27 -23.80 -0.90
C CYS A 234 4.33 -25.28 -1.29
N PHE A 235 5.43 -25.92 -0.89
CA PHE A 235 5.63 -27.35 -1.11
C PHE A 235 6.26 -27.94 0.14
N PHE A 236 5.64 -28.97 0.69
CA PHE A 236 6.24 -29.64 1.83
C PHE A 236 7.28 -30.65 1.34
N VAL A 237 8.48 -30.55 1.88
CA VAL A 237 9.62 -31.37 1.46
C VAL A 237 10.11 -32.15 2.67
N THR A 238 10.05 -33.47 2.59
CA THR A 238 10.31 -34.35 3.71
C THR A 238 11.81 -34.58 3.89
N ASP A 239 12.21 -34.73 5.17
CA ASP A 239 13.55 -35.26 5.46
C ASP A 239 13.74 -36.64 4.85
N ASP A 240 12.64 -37.36 4.59
CA ASP A 240 12.69 -38.60 3.84
C ASP A 240 13.39 -38.40 2.50
N SER A 241 12.82 -37.54 1.64
CA SER A 241 13.30 -37.40 0.27
C SER A 241 14.65 -36.73 0.17
N LEU A 242 14.95 -35.77 1.06
CA LEU A 242 16.27 -35.14 1.06
C LEU A 242 17.36 -36.19 1.28
N ASP A 243 17.14 -37.09 2.24
CA ASP A 243 18.11 -38.16 2.50
C ASP A 243 18.33 -39.01 1.26
N GLN A 244 17.24 -39.40 0.59
CA GLN A 244 17.37 -40.15 -0.66
C GLN A 244 18.03 -39.32 -1.75
N LEU A 245 18.02 -37.99 -1.63
CA LEU A 245 18.64 -37.16 -2.66
C LEU A 245 20.14 -36.98 -2.41
N LYS A 246 20.51 -36.67 -1.16
CA LYS A 246 21.93 -36.54 -0.83
C LYS A 246 22.66 -37.86 -1.00
N ALA A 247 21.97 -38.98 -0.82
CA ALA A 247 22.64 -40.28 -0.88
C ALA A 247 22.82 -40.75 -2.32
N GLN A 248 21.86 -40.45 -3.19
CA GLN A 248 22.01 -40.77 -4.61
C GLN A 248 23.00 -39.85 -5.31
N LEU A 249 23.11 -38.60 -4.84
CA LEU A 249 24.21 -37.75 -5.26
C LEU A 249 25.54 -38.28 -4.74
N LEU A 250 25.53 -38.87 -3.54
CA LEU A 250 26.75 -39.45 -2.97
C LEU A 250 27.20 -40.66 -3.78
N GLU A 251 26.29 -41.59 -4.04
CA GLU A 251 26.67 -42.80 -4.78
C GLU A 251 26.93 -42.53 -6.26
N LYS A 252 26.67 -41.31 -6.74
CA LYS A 252 26.96 -40.96 -8.12
C LYS A 252 28.15 -40.02 -8.27
N SER A 253 28.44 -39.19 -7.27
CA SER A 253 29.57 -38.29 -7.33
C SER A 253 30.60 -38.52 -6.23
N GLY A 254 30.25 -39.26 -5.18
CA GLY A 254 31.10 -39.39 -4.01
C GLY A 254 31.12 -38.17 -3.13
N LEU A 255 30.58 -37.06 -3.60
CA LEU A 255 30.57 -35.81 -2.85
C LEU A 255 29.37 -35.75 -1.92
N ASN A 256 29.56 -35.04 -0.80
CA ASN A 256 28.50 -34.78 0.17
C ASN A 256 27.88 -33.42 -0.14
N PHE A 257 26.57 -33.34 -0.01
CA PHE A 257 25.83 -32.11 -0.33
C PHE A 257 24.89 -31.76 0.81
N THR A 258 24.97 -30.53 1.29
CA THR A 258 23.98 -30.03 2.23
C THR A 258 22.62 -29.90 1.55
N THR A 259 21.58 -29.80 2.36
CA THR A 259 20.23 -29.62 1.82
C THR A 259 20.14 -28.36 0.97
N PHE A 260 20.83 -27.30 1.38
CA PHE A 260 20.78 -26.04 0.66
C PHE A 260 21.49 -26.11 -0.69
N GLU A 261 22.41 -27.06 -0.86
CA GLU A 261 23.09 -27.24 -2.15
C GLU A 261 22.36 -28.22 -3.05
N ALA A 262 21.83 -29.30 -2.48
CA ALA A 262 21.16 -30.32 -3.29
C ALA A 262 19.76 -29.87 -3.69
N LEU A 263 18.98 -29.39 -2.73
CA LEU A 263 17.61 -28.98 -3.01
C LEU A 263 17.57 -27.68 -3.80
N GLY A 264 18.45 -26.72 -3.45
CA GLY A 264 18.53 -25.48 -4.21
C GLY A 264 18.92 -25.69 -5.66
N ALA A 265 19.68 -26.74 -5.95
CA ALA A 265 20.04 -27.06 -7.33
C ALA A 265 18.91 -27.78 -8.07
N TYR A 266 18.14 -28.61 -7.38
CA TYR A 266 16.96 -29.20 -8.01
C TYR A 266 15.92 -28.13 -8.31
N ILE A 267 15.78 -27.15 -7.42
CA ILE A 267 14.78 -26.11 -7.61
C ILE A 267 15.24 -25.12 -8.68
N TRP A 268 16.51 -24.72 -8.63
CA TRP A 268 17.07 -23.82 -9.64
C TRP A 268 16.90 -24.41 -11.03
N ARG A 269 17.23 -25.71 -11.18
CA ARG A 269 17.11 -26.36 -12.49
C ARG A 269 15.65 -26.42 -12.94
N ALA A 270 14.76 -26.81 -12.04
CA ALA A 270 13.35 -26.95 -12.40
C ALA A 270 12.74 -25.58 -12.71
N LYS A 271 13.11 -24.55 -11.95
CA LYS A 271 12.69 -23.19 -12.25
C LYS A 271 13.07 -22.83 -13.68
N VAL A 272 14.36 -22.88 -14.00
CA VAL A 272 14.83 -22.44 -15.32
C VAL A 272 14.25 -23.33 -16.41
N ARG A 273 14.06 -24.62 -16.11
CA ARG A 273 13.37 -25.52 -17.03
C ARG A 273 11.99 -25.00 -17.37
N ALA A 274 11.24 -24.59 -16.35
CA ALA A 274 9.84 -24.24 -16.53
C ALA A 274 9.67 -22.90 -17.24
N ALA A 275 10.62 -21.98 -17.09
CA ALA A 275 10.52 -20.66 -17.69
C ALA A 275 10.88 -20.65 -19.17
N LYS A 276 11.25 -21.81 -19.73
CA LYS A 276 11.63 -21.91 -21.14
C LYS A 276 12.77 -20.96 -21.48
N THR A 277 13.74 -20.85 -20.57
CA THR A 277 14.81 -19.88 -20.74
C THR A 277 15.70 -20.26 -21.93
N GLU A 278 16.06 -19.26 -22.74
CA GLU A 278 16.89 -19.51 -23.91
C GLU A 278 18.23 -20.11 -23.48
N GLU A 279 18.69 -21.10 -24.25
CA GLU A 279 19.79 -21.96 -23.81
C GLU A 279 21.06 -21.19 -23.47
N LYS A 280 21.33 -20.09 -24.15
CA LYS A 280 22.59 -19.37 -24.00
C LYS A 280 22.44 -18.09 -23.17
N GLU A 281 21.39 -17.98 -22.37
CA GLU A 281 21.24 -16.88 -21.44
C GLU A 281 21.91 -17.21 -20.10
N ASN A 282 22.59 -16.22 -19.53
CA ASN A 282 23.26 -16.40 -18.25
C ASN A 282 22.24 -16.25 -17.12
N VAL A 283 22.13 -17.28 -16.29
CA VAL A 283 21.25 -17.27 -15.12
C VAL A 283 22.11 -17.38 -13.87
N LYS A 284 21.54 -17.00 -12.74
CA LYS A 284 22.33 -16.89 -11.51
C LYS A 284 21.54 -17.39 -10.30
N PHE A 285 22.27 -18.01 -9.38
CA PHE A 285 21.75 -18.50 -8.10
C PHE A 285 22.35 -17.61 -7.01
N VAL A 286 21.50 -16.97 -6.21
CA VAL A 286 21.95 -15.95 -5.28
C VAL A 286 21.41 -16.23 -3.88
N TYR A 287 22.22 -15.87 -2.88
CA TYR A 287 21.85 -15.92 -1.48
C TYR A 287 22.75 -14.97 -0.72
N SER A 288 22.30 -14.56 0.46
CA SER A 288 23.05 -13.67 1.33
C SER A 288 23.66 -14.44 2.50
N ILE A 289 24.84 -14.02 2.93
CA ILE A 289 25.46 -14.54 4.13
C ILE A 289 25.87 -13.39 5.04
N ASN A 290 25.74 -13.62 6.34
CA ASN A 290 26.14 -12.65 7.34
C ASN A 290 27.66 -12.60 7.43
N ILE A 291 28.24 -11.41 7.26
CA ILE A 291 29.69 -11.22 7.27
C ILE A 291 30.15 -10.47 8.52
N ARG A 292 29.29 -10.40 9.55
CA ARG A 292 29.68 -9.70 10.78
C ARG A 292 30.90 -10.33 11.42
N ARG A 293 30.89 -11.66 11.57
CA ARG A 293 32.00 -12.40 12.16
C ARG A 293 33.13 -12.65 11.19
N LEU A 294 33.01 -12.20 9.93
CA LEU A 294 34.00 -12.48 8.89
C LEU A 294 34.90 -11.30 8.57
N MET A 295 34.63 -10.13 9.13
CA MET A 295 35.45 -8.96 8.86
C MET A 295 36.65 -8.92 9.81
N ASN A 296 37.74 -8.36 9.30
CA ASN A 296 38.94 -8.08 10.07
C ASN A 296 39.13 -6.57 10.14
N PRO A 297 38.64 -5.89 11.19
CA PRO A 297 38.03 -6.40 12.42
C PRO A 297 36.54 -6.69 12.29
N PRO A 298 36.01 -7.57 13.15
CA PRO A 298 34.58 -7.90 13.06
C PRO A 298 33.70 -6.69 13.39
N LEU A 299 32.45 -6.80 12.97
CA LEU A 299 31.45 -5.81 13.32
C LEU A 299 30.94 -6.07 14.74
N PRO A 300 30.47 -5.04 15.44
CA PRO A 300 29.98 -5.23 16.80
C PRO A 300 28.74 -6.13 16.84
N LYS A 301 28.41 -6.57 18.05
CA LYS A 301 27.21 -7.38 18.23
C LYS A 301 25.95 -6.57 18.02
N GLY A 302 25.99 -5.28 18.37
CA GLY A 302 24.81 -4.44 18.25
C GLY A 302 24.53 -3.93 16.86
N TYR A 303 25.49 -4.03 15.94
CA TYR A 303 25.32 -3.53 14.58
C TYR A 303 24.11 -4.18 13.92
N TRP A 304 23.08 -3.39 13.66
CA TRP A 304 21.81 -3.92 13.18
C TRP A 304 21.50 -3.50 11.75
N GLY A 305 22.38 -2.76 11.11
CA GLY A 305 22.21 -2.47 9.70
C GLY A 305 22.48 -3.71 8.87
N ASN A 306 22.58 -3.48 7.56
CA ASN A 306 22.83 -4.55 6.61
C ASN A 306 24.28 -5.00 6.74
N GLY A 307 24.49 -6.21 7.23
CA GLY A 307 25.82 -6.79 7.34
C GLY A 307 25.91 -8.10 6.58
N CYS A 308 25.41 -8.10 5.35
CA CYS A 308 25.42 -9.29 4.51
C CYS A 308 25.76 -8.89 3.09
N VAL A 309 26.53 -9.73 2.41
CA VAL A 309 26.83 -9.54 0.99
C VAL A 309 26.20 -10.69 0.21
N PRO A 310 25.72 -10.43 -1.01
CA PRO A 310 25.17 -11.53 -1.82
C PRO A 310 26.27 -12.40 -2.40
N MET A 311 26.13 -13.71 -2.23
CA MET A 311 26.96 -14.68 -2.93
C MET A 311 26.22 -15.16 -4.16
N TYR A 312 26.98 -15.46 -5.21
N TYR A 312 26.98 -15.38 -5.24
CA TYR A 312 26.38 -15.82 -6.47
CA TYR A 312 26.44 -15.70 -6.57
C TYR A 312 26.97 -17.12 -6.98
C TYR A 312 27.06 -16.97 -7.12
N ALA A 313 26.32 -17.63 -8.03
CA ALA A 313 26.81 -18.76 -8.78
C ALA A 313 26.08 -18.73 -10.12
N GLN A 314 26.81 -18.73 -11.22
CA GLN A 314 26.21 -18.49 -12.53
C GLN A 314 26.61 -19.57 -13.52
N ILE A 315 25.82 -19.66 -14.59
CA ILE A 315 25.95 -20.71 -15.59
C ILE A 315 24.97 -20.43 -16.71
N LYS A 316 25.28 -20.91 -17.92
CA LYS A 316 24.33 -20.83 -19.01
C LYS A 316 23.08 -21.63 -18.67
N ALA A 317 21.95 -21.18 -19.22
CA ALA A 317 20.68 -21.86 -18.96
C ALA A 317 20.69 -23.26 -19.53
N GLY A 318 21.13 -23.41 -20.78
CA GLY A 318 21.14 -24.72 -21.41
C GLY A 318 22.00 -25.73 -20.69
N GLU A 319 23.16 -25.30 -20.20
CA GLU A 319 24.00 -26.20 -19.42
C GLU A 319 23.33 -26.56 -18.09
N LEU A 320 22.72 -25.58 -17.43
CA LEU A 320 22.05 -25.85 -16.16
C LEU A 320 20.92 -26.85 -16.33
N ILE A 321 20.16 -26.74 -17.41
CA ILE A 321 18.97 -27.57 -17.55
C ILE A 321 19.28 -29.01 -17.97
N GLU A 322 20.49 -29.28 -18.47
CA GLU A 322 20.82 -30.63 -18.93
C GLU A 322 22.09 -31.23 -18.30
N GLN A 323 22.83 -30.48 -17.49
CA GLN A 323 23.97 -31.07 -16.79
C GLN A 323 23.49 -31.76 -15.52
N PRO A 324 24.26 -32.69 -14.98
CA PRO A 324 23.79 -33.45 -13.81
C PRO A 324 23.59 -32.56 -12.59
N ILE A 325 22.76 -33.05 -11.67
CA ILE A 325 22.44 -32.28 -10.48
C ILE A 325 23.67 -32.08 -9.60
N TRP A 326 24.51 -33.11 -9.48
CA TRP A 326 25.69 -33.00 -8.63
C TRP A 326 26.71 -31.98 -9.13
N LYS A 327 26.70 -31.68 -10.44
CA LYS A 327 27.53 -30.59 -10.94
C LYS A 327 26.95 -29.24 -10.54
N THR A 328 25.63 -29.10 -10.59
CA THR A 328 25.01 -27.83 -10.18
C THR A 328 25.10 -27.64 -8.68
N ALA A 329 25.00 -28.72 -7.92
CA ALA A 329 25.15 -28.64 -6.47
C ALA A 329 26.61 -28.36 -6.08
N GLU A 330 27.57 -28.78 -6.90
CA GLU A 330 28.97 -28.43 -6.66
C GLU A 330 29.20 -26.96 -6.94
N LEU A 331 28.58 -26.42 -7.98
CA LEU A 331 28.74 -25.01 -8.32
C LEU A 331 28.25 -24.12 -7.18
N ILE A 332 27.20 -24.56 -6.48
CA ILE A 332 26.68 -23.79 -5.35
C ILE A 332 27.54 -23.99 -4.11
N LYS A 333 28.01 -25.23 -3.87
CA LYS A 333 28.91 -25.48 -2.77
C LYS A 333 30.16 -24.62 -2.89
N GLN A 334 30.72 -24.53 -4.10
CA GLN A 334 31.93 -23.75 -4.33
C GLN A 334 31.70 -22.25 -4.29
N SER A 335 30.45 -21.80 -4.32
CA SER A 335 30.19 -20.36 -4.27
C SER A 335 30.56 -19.77 -2.92
N LYS A 336 30.42 -20.55 -1.84
CA LYS A 336 30.76 -20.04 -0.52
C LYS A 336 32.27 -20.02 -0.27
N SER A 337 33.06 -20.55 -1.20
CA SER A 337 34.51 -20.36 -1.15
C SER A 337 34.86 -18.88 -1.27
N ASN A 338 34.07 -18.13 -2.04
CA ASN A 338 34.40 -16.73 -2.31
C ASN A 338 34.14 -15.83 -1.11
N THR A 339 33.41 -16.30 -0.10
CA THR A 339 33.09 -15.46 1.05
C THR A 339 34.36 -15.23 1.87
N SER A 340 34.95 -14.05 1.74
CA SER A 340 36.12 -13.66 2.52
C SER A 340 35.94 -12.22 2.99
N ASP A 341 37.01 -11.65 3.54
CA ASP A 341 36.98 -10.25 3.94
C ASP A 341 37.18 -9.32 2.74
N GLU A 342 38.09 -9.67 1.84
CA GLU A 342 38.32 -8.87 0.63
C GLU A 342 37.10 -8.91 -0.29
N TYR A 343 36.37 -10.02 -0.33
CA TYR A 343 35.13 -10.07 -1.10
C TYR A 343 34.15 -8.99 -0.64
N VAL A 344 34.07 -8.77 0.68
CA VAL A 344 33.16 -7.74 1.18
C VAL A 344 33.72 -6.35 0.90
N ARG A 345 35.03 -6.16 1.10
CA ARG A 345 35.63 -4.87 0.81
C ARG A 345 35.61 -4.56 -0.67
N SER A 346 35.70 -5.57 -1.54
CA SER A 346 35.55 -5.33 -2.98
C SER A 346 34.10 -4.98 -3.32
N PHE A 347 33.14 -5.72 -2.75
CA PHE A 347 31.74 -5.44 -3.01
C PHE A 347 31.38 -4.02 -2.59
N ILE A 348 31.98 -3.53 -1.50
CA ILE A 348 31.70 -2.17 -1.04
C ILE A 348 32.35 -1.15 -1.95
N ASP A 349 33.63 -1.35 -2.27
CA ASP A 349 34.35 -0.42 -3.13
C ASP A 349 33.70 -0.30 -4.50
N PHE A 350 33.09 -1.38 -4.99
CA PHE A 350 32.37 -1.31 -6.26
C PHE A 350 31.16 -0.38 -6.16
N GLN A 351 30.42 -0.47 -5.05
CA GLN A 351 29.33 0.47 -4.80
C GLN A 351 29.85 1.90 -4.75
N GLU A 352 31.00 2.10 -4.12
CA GLU A 352 31.59 3.43 -4.05
C GLU A 352 31.94 3.96 -5.44
N LEU A 353 32.41 3.08 -6.32
CA LEU A 353 32.87 3.52 -7.63
C LEU A 353 31.70 3.79 -8.57
N HIS A 354 30.64 2.98 -8.49
CA HIS A 354 29.68 2.89 -9.59
C HIS A 354 28.23 2.94 -9.13
N HIS A 355 27.94 3.61 -8.02
CA HIS A 355 26.55 3.70 -7.57
C HIS A 355 25.69 4.43 -8.58
N LYS A 356 26.21 5.51 -9.16
CA LYS A 356 25.48 6.29 -10.14
C LYS A 356 25.35 5.60 -11.50
N ASP A 357 26.00 4.47 -11.70
CA ASP A 357 25.98 3.79 -12.99
C ASP A 357 25.05 2.58 -13.01
N GLY A 358 24.22 2.40 -12.00
CA GLY A 358 23.25 1.32 -11.98
C GLY A 358 23.85 -0.07 -11.86
N ILE A 359 24.36 -0.41 -10.67
CA ILE A 359 24.91 -1.74 -10.44
C ILE A 359 23.79 -2.76 -10.42
N ASN A 360 24.01 -3.88 -11.11
CA ASN A 360 23.00 -4.94 -11.14
C ASN A 360 23.69 -6.26 -11.49
N ALA A 361 22.96 -7.35 -11.26
CA ALA A 361 23.41 -8.68 -11.64
C ALA A 361 22.64 -9.24 -12.82
N GLY A 362 21.93 -8.38 -13.56
CA GLY A 362 21.27 -8.78 -14.79
C GLY A 362 20.05 -9.67 -14.56
N THR A 363 19.54 -10.17 -15.69
CA THR A 363 18.36 -11.02 -15.70
C THR A 363 18.72 -12.44 -15.30
N GLY A 364 17.69 -13.28 -15.17
CA GLY A 364 17.91 -14.69 -14.88
C GLY A 364 18.32 -15.00 -13.47
N VAL A 365 18.14 -14.04 -12.56
CA VAL A 365 18.61 -14.17 -11.18
C VAL A 365 17.52 -14.81 -10.35
N THR A 366 17.78 -15.99 -9.82
CA THR A 366 16.92 -16.64 -8.85
C THR A 366 17.57 -16.57 -7.48
N GLY A 367 16.93 -15.88 -6.54
CA GLY A 367 17.45 -15.74 -5.21
C GLY A 367 16.88 -16.77 -4.26
N PHE A 368 17.67 -17.12 -3.24
CA PHE A 368 17.28 -18.11 -2.25
C PHE A 368 17.57 -17.58 -0.85
N THR A 369 16.68 -17.89 0.07
CA THR A 369 16.83 -17.52 1.47
C THR A 369 16.46 -18.70 2.36
N ASP A 370 17.28 -18.95 3.37
CA ASP A 370 17.20 -20.14 4.21
C ASP A 370 16.87 -19.72 5.63
N TRP A 371 15.62 -19.91 6.05
CA TRP A 371 15.12 -19.44 7.33
C TRP A 371 15.00 -20.55 8.37
N ARG A 372 15.48 -21.75 8.07
CA ARG A 372 15.20 -22.87 8.96
C ARG A 372 15.95 -22.74 10.30
N TYR A 373 17.23 -22.36 10.26
CA TYR A 373 18.11 -22.46 11.42
C TYR A 373 18.45 -21.10 12.01
N LEU A 374 17.46 -20.22 12.11
CA LEU A 374 17.59 -18.94 12.79
C LEU A 374 16.59 -18.88 13.93
N GLY A 375 17.05 -18.42 15.08
CA GLY A 375 16.27 -18.50 16.30
C GLY A 375 15.00 -17.67 16.28
N HIS A 376 13.99 -18.15 15.55
CA HIS A 376 12.73 -17.44 15.48
C HIS A 376 11.95 -17.50 16.78
N SER A 377 12.32 -18.42 17.68
CA SER A 377 11.55 -18.63 18.89
C SER A 377 11.72 -17.47 19.88
N THR A 378 12.96 -16.99 20.02
CA THR A 378 13.28 -16.05 21.09
C THR A 378 12.51 -14.74 20.98
N ILE A 379 11.89 -14.46 19.83
CA ILE A 379 11.00 -13.32 19.75
C ILE A 379 9.72 -13.65 20.50
N ASP A 380 9.77 -13.52 21.82
CA ASP A 380 8.66 -13.88 22.69
C ASP A 380 8.21 -12.65 23.47
N PHE A 381 6.96 -12.25 23.27
CA PHE A 381 6.39 -11.12 23.99
C PHE A 381 5.60 -11.54 25.22
N GLY A 382 5.30 -12.83 25.36
CA GLY A 382 4.51 -13.30 26.48
C GLY A 382 3.63 -14.46 26.07
N TRP A 383 3.44 -14.63 24.77
CA TRP A 383 2.63 -15.71 24.22
C TRP A 383 3.48 -16.83 23.64
N GLY A 384 4.71 -16.99 24.11
CA GLY A 384 5.62 -17.98 23.54
C GLY A 384 6.15 -17.52 22.20
N GLY A 385 7.04 -18.35 21.64
CA GLY A 385 7.57 -18.10 20.32
C GLY A 385 6.50 -18.25 19.25
N PRO A 386 6.73 -17.62 18.10
CA PRO A 386 5.74 -17.71 17.01
C PRO A 386 5.63 -19.13 16.46
N VAL A 387 4.40 -19.55 16.20
CA VAL A 387 4.17 -20.92 15.73
C VAL A 387 4.57 -21.06 14.26
N THR A 388 4.18 -20.08 13.43
CA THR A 388 4.58 -20.04 12.03
C THR A 388 5.09 -18.65 11.69
N VAL A 389 5.83 -18.56 10.59
CA VAL A 389 6.39 -17.30 10.13
C VAL A 389 6.42 -17.34 8.61
N LEU A 390 5.92 -16.28 7.97
CA LEU A 390 5.69 -16.29 6.53
C LEU A 390 6.25 -15.03 5.89
N PRO A 391 7.14 -15.16 4.89
CA PRO A 391 7.54 -13.98 4.10
C PRO A 391 6.56 -13.73 2.97
N LEU A 392 6.29 -12.45 2.72
CA LEU A 392 5.32 -12.05 1.71
C LEU A 392 5.94 -11.33 0.52
N SER A 393 7.14 -10.81 0.65
CA SER A 393 7.76 -10.13 -0.48
C SER A 393 8.17 -11.13 -1.54
N ASN A 394 8.12 -10.69 -2.80
CA ASN A 394 8.64 -11.48 -3.91
C ASN A 394 9.67 -10.69 -4.70
N LYS A 395 10.31 -9.71 -4.08
CA LYS A 395 11.37 -8.92 -4.70
C LYS A 395 12.52 -8.84 -3.70
N LEU A 396 13.65 -9.45 -4.06
CA LEU A 396 14.70 -9.76 -3.10
C LEU A 396 15.96 -10.20 -3.83
N LEU A 397 17.12 -9.67 -3.44
CA LEU A 397 18.42 -10.11 -3.96
C LEU A 397 18.52 -9.94 -5.47
N GLY A 398 17.94 -8.87 -6.00
CA GLY A 398 17.91 -8.67 -7.43
C GLY A 398 17.07 -9.66 -8.21
N SER A 399 16.17 -10.38 -7.55
CA SER A 399 15.33 -11.38 -8.19
C SER A 399 13.87 -10.98 -8.07
N MET A 400 13.07 -11.36 -9.07
CA MET A 400 11.63 -11.23 -9.00
C MET A 400 10.94 -12.55 -8.72
N GLU A 401 11.70 -13.62 -8.58
CA GLU A 401 11.17 -14.96 -8.31
C GLU A 401 11.97 -15.59 -7.18
N PRO A 402 11.99 -14.98 -6.00
CA PRO A 402 12.79 -15.54 -4.91
C PRO A 402 12.14 -16.78 -4.33
N CYS A 403 12.94 -17.51 -3.54
CA CYS A 403 12.52 -18.75 -2.92
C CYS A 403 13.01 -18.78 -1.48
N PHE A 404 12.18 -19.33 -0.59
CA PHE A 404 12.48 -19.38 0.83
C PHE A 404 12.41 -20.82 1.33
N PHE A 405 13.34 -21.16 2.22
CA PHE A 405 13.28 -22.40 3.00
C PHE A 405 12.75 -22.02 4.38
N LEU A 406 11.52 -22.47 4.69
CA LEU A 406 10.86 -22.00 5.91
C LEU A 406 11.18 -22.92 7.09
N PRO A 407 11.12 -22.40 8.32
CA PRO A 407 11.65 -23.17 9.45
C PRO A 407 10.79 -24.38 9.78
N TYR A 408 11.32 -25.20 10.69
CA TYR A 408 10.63 -26.39 11.15
C TYR A 408 9.53 -25.99 12.13
N SER A 409 8.29 -26.33 11.79
CA SER A 409 7.11 -25.93 12.55
C SER A 409 7.22 -26.19 14.05
N GLY A 421 10.14 -32.69 7.96
CA GLY A 421 10.36 -31.85 6.81
C GLY A 421 10.06 -30.39 7.03
N PHE A 422 10.15 -29.61 5.96
CA PHE A 422 9.90 -28.18 6.02
C PHE A 422 9.22 -27.75 4.73
N LYS A 423 8.71 -26.53 4.73
CA LYS A 423 8.03 -25.96 3.58
C LYS A 423 9.01 -25.11 2.78
N VAL A 424 9.02 -25.31 1.48
CA VAL A 424 9.75 -24.45 0.55
C VAL A 424 8.74 -23.52 -0.11
N LEU A 425 8.95 -22.22 0.06
CA LEU A 425 8.09 -21.20 -0.52
C LEU A 425 8.80 -20.61 -1.74
N VAL A 426 8.22 -20.80 -2.92
CA VAL A 426 8.83 -20.33 -4.15
C VAL A 426 7.90 -19.33 -4.81
N ASN A 427 8.46 -18.23 -5.30
CA ASN A 427 7.74 -17.29 -6.14
C ASN A 427 8.15 -17.54 -7.57
N LEU A 428 7.17 -17.68 -8.46
CA LEU A 428 7.45 -18.08 -9.83
C LEU A 428 6.38 -17.49 -10.74
N ARG A 429 6.79 -17.13 -11.96
CA ARG A 429 5.88 -16.49 -12.89
C ARG A 429 4.73 -17.43 -13.24
N GLU A 430 3.60 -16.82 -13.60
CA GLU A 430 2.37 -17.53 -13.89
C GLU A 430 2.57 -18.70 -14.84
N SER A 431 3.25 -18.44 -15.95
CA SER A 431 3.29 -19.43 -17.03
C SER A 431 4.21 -20.60 -16.71
N ALA A 432 5.16 -20.43 -15.80
CA ALA A 432 6.10 -21.51 -15.46
C ALA A 432 5.61 -22.37 -14.30
N MET A 433 4.62 -21.89 -13.54
CA MET A 433 4.13 -22.65 -12.39
C MET A 433 3.57 -24.03 -12.73
N PRO A 434 2.83 -24.22 -13.84
CA PRO A 434 2.29 -25.57 -14.11
C PRO A 434 3.34 -26.66 -14.20
N GLU A 435 4.52 -26.40 -14.76
CA GLU A 435 5.53 -27.44 -14.81
C GLU A 435 6.38 -27.52 -13.56
N PHE A 436 6.45 -26.44 -12.77
CA PHE A 436 7.18 -26.51 -11.50
C PHE A 436 6.44 -27.41 -10.51
N LYS A 437 5.12 -27.27 -10.43
CA LYS A 437 4.30 -28.20 -9.66
C LYS A 437 4.56 -29.64 -10.08
N GLU A 438 4.66 -29.89 -11.39
CA GLU A 438 4.98 -31.22 -11.89
C GLU A 438 6.39 -31.64 -11.48
N ALA A 439 7.34 -30.70 -11.49
CA ALA A 439 8.70 -31.02 -11.08
C ALA A 439 8.76 -31.37 -9.60
N MET A 440 8.16 -30.53 -8.76
CA MET A 440 8.13 -30.81 -7.32
C MET A 440 7.33 -32.07 -7.03
N ASP A 441 6.37 -32.41 -7.89
CA ASP A 441 5.62 -33.65 -7.70
C ASP A 441 6.48 -34.88 -7.99
N LYS A 442 7.48 -34.75 -8.87
CA LYS A 442 8.41 -35.85 -9.08
C LYS A 442 9.47 -35.91 -8.00
N PHE A 443 9.80 -34.76 -7.39
CA PHE A 443 10.66 -34.76 -6.21
C PHE A 443 10.00 -35.50 -5.06
N HIS A 444 8.70 -35.30 -4.87
CA HIS A 444 8.00 -35.94 -3.76
C HIS A 444 7.96 -37.45 -3.93
N LYS A 445 7.85 -37.91 -5.18
CA LYS A 445 7.79 -39.34 -5.46
C LYS A 445 9.16 -40.01 -5.45
N GLY A 446 10.24 -39.25 -5.36
CA GLY A 446 11.57 -39.81 -5.46
C GLY A 446 12.00 -40.11 -6.87
N GLU A 447 11.58 -39.29 -7.84
CA GLU A 447 11.97 -39.44 -9.24
C GLU A 447 12.78 -38.21 -9.63
N PHE A 448 14.00 -38.14 -9.09
CA PHE A 448 14.80 -36.92 -9.18
C PHE A 448 15.40 -36.67 -10.56
N ALA A 449 15.55 -37.72 -11.38
CA ALA A 449 16.12 -37.61 -12.72
C ALA A 449 17.37 -36.73 -12.72
N LEU A 450 18.43 -37.21 -12.08
CA LEU A 450 19.58 -36.38 -11.71
C LEU A 450 20.44 -35.92 -12.90
N SER A 451 20.07 -36.13 -14.15
CA SER A 451 20.80 -35.59 -15.29
C SER A 451 19.98 -35.70 -16.59
N ALA B 2 -8.77 38.07 6.83
CA ALA B 2 -7.84 37.15 6.22
C ALA B 2 -8.28 36.82 4.80
N THR B 3 -7.54 37.32 3.81
CA THR B 3 -7.97 37.33 2.41
C THR B 3 -6.98 36.58 1.54
N LEU B 4 -7.51 35.69 0.70
CA LEU B 4 -6.73 34.97 -0.30
C LEU B 4 -6.60 35.80 -1.58
N GLU B 5 -5.56 35.52 -2.34
CA GLU B 5 -5.17 36.39 -3.46
C GLU B 5 -4.52 35.55 -4.56
N ILE B 6 -5.25 35.31 -5.64
CA ILE B 6 -4.64 34.68 -6.81
C ILE B 6 -3.57 35.59 -7.39
N THR B 7 -2.37 35.05 -7.59
CA THR B 7 -1.28 35.80 -8.20
C THR B 7 -1.22 35.58 -9.72
N ASP B 8 -1.04 34.32 -10.13
CA ASP B 8 -0.95 33.98 -11.55
C ASP B 8 -1.13 32.47 -11.69
N ILE B 9 -1.40 32.05 -12.91
CA ILE B 9 -1.91 30.71 -13.20
C ILE B 9 -1.05 30.13 -14.32
N ALA B 10 0.03 29.44 -13.95
CA ALA B 10 0.89 28.80 -14.93
C ALA B 10 0.17 27.61 -15.56
N LEU B 11 0.47 27.36 -16.84
CA LEU B 11 -0.16 26.29 -17.62
C LEU B 11 0.91 25.23 -17.97
N VAL B 12 1.01 24.21 -17.12
CA VAL B 12 2.09 23.23 -17.24
C VAL B 12 1.72 22.16 -18.27
N GLN B 13 2.50 22.08 -19.34
CA GLN B 13 2.49 20.97 -20.27
C GLN B 13 3.46 19.90 -19.80
N PRO B 14 3.40 18.69 -20.36
CA PRO B 14 4.38 17.66 -19.97
C PRO B 14 5.80 18.08 -20.28
N SER B 15 6.75 17.43 -19.62
CA SER B 15 8.15 17.76 -19.81
C SER B 15 8.59 17.46 -21.23
N HIS B 16 8.55 16.18 -21.62
CA HIS B 16 8.84 15.76 -22.98
C HIS B 16 7.58 15.13 -23.54
N GLN B 17 7.06 15.71 -24.62
CA GLN B 17 5.72 15.41 -25.12
C GLN B 17 5.56 13.94 -25.47
N PRO B 18 4.47 13.32 -25.08
CA PRO B 18 4.22 11.93 -25.46
C PRO B 18 3.30 11.82 -26.67
N LEU B 19 2.57 12.89 -26.98
CA LEU B 19 1.54 12.85 -28.02
C LEU B 19 2.04 13.54 -29.28
N SER B 20 1.85 12.89 -30.42
CA SER B 20 2.12 13.52 -31.72
C SER B 20 0.86 14.17 -32.27
N ASN B 21 -0.25 13.42 -32.27
CA ASN B 21 -1.50 13.92 -32.82
C ASN B 21 -2.62 13.54 -31.88
N ASP B 22 -3.82 14.03 -32.21
CA ASP B 22 -4.96 14.06 -31.30
C ASP B 22 -5.54 12.67 -31.11
N GLN B 23 -5.11 12.01 -30.04
CA GLN B 23 -5.72 10.77 -29.58
C GLN B 23 -6.96 11.09 -28.75
N THR B 24 -8.08 10.43 -29.09
CA THR B 24 -9.35 10.63 -28.39
C THR B 24 -9.69 9.34 -27.65
N LEU B 25 -9.46 9.33 -26.34
CA LEU B 25 -9.73 8.18 -25.49
C LEU B 25 -11.18 8.21 -25.04
N SER B 26 -11.85 7.07 -25.18
CA SER B 26 -13.18 6.91 -24.61
C SER B 26 -13.07 6.43 -23.16
N LEU B 27 -14.15 6.61 -22.42
CA LEU B 27 -14.19 6.31 -21.00
C LEU B 27 -15.05 5.08 -20.75
N SER B 28 -14.81 4.44 -19.61
CA SER B 28 -15.53 3.23 -19.27
C SER B 28 -17.00 3.55 -18.94
N HIS B 29 -17.79 2.48 -18.79
CA HIS B 29 -19.20 2.64 -18.43
C HIS B 29 -19.40 2.95 -16.96
N LEU B 30 -18.34 2.90 -16.15
CA LEU B 30 -18.38 3.48 -14.81
C LEU B 30 -18.02 4.95 -14.83
N ASP B 31 -17.12 5.36 -15.72
CA ASP B 31 -16.80 6.78 -15.87
C ASP B 31 -17.99 7.58 -16.39
N ASN B 32 -18.86 6.96 -17.18
CA ASN B 32 -20.00 7.64 -17.76
C ASN B 32 -21.24 7.59 -16.88
N ASP B 33 -21.08 7.18 -15.62
CA ASP B 33 -22.15 7.32 -14.64
C ASP B 33 -22.51 8.79 -14.51
N ASN B 34 -23.81 9.06 -14.38
CA ASN B 34 -24.28 10.44 -14.31
C ASN B 34 -23.98 11.07 -12.95
N ASN B 35 -23.99 10.27 -11.88
CA ASN B 35 -23.64 10.79 -10.57
C ASN B 35 -22.17 11.19 -10.50
N LEU B 36 -21.37 10.75 -11.45
CA LEU B 36 -19.96 11.11 -11.54
C LEU B 36 -19.72 12.32 -12.44
N HIS B 37 -20.79 12.92 -12.97
CA HIS B 37 -20.67 14.16 -13.76
C HIS B 37 -20.60 15.37 -12.82
N VAL B 38 -19.59 15.34 -11.97
CA VAL B 38 -19.28 16.43 -11.06
C VAL B 38 -17.77 16.67 -11.12
N SER B 39 -17.31 17.64 -10.33
CA SER B 39 -15.90 17.92 -10.16
C SER B 39 -15.57 17.77 -8.68
N PHE B 40 -14.61 16.90 -8.37
CA PHE B 40 -14.24 16.63 -6.99
C PHE B 40 -13.18 17.63 -6.56
N ARG B 41 -13.47 18.36 -5.49
CA ARG B 41 -12.59 19.41 -4.97
C ARG B 41 -12.12 18.99 -3.59
N TYR B 42 -10.81 18.92 -3.40
CA TYR B 42 -10.26 18.66 -2.08
C TYR B 42 -8.84 19.20 -2.01
N LEU B 43 -8.37 19.41 -0.78
CA LEU B 43 -7.12 20.08 -0.53
C LEU B 43 -6.33 19.34 0.55
N ARG B 44 -5.04 19.57 0.54
CA ARG B 44 -4.14 19.02 1.54
C ARG B 44 -3.28 20.14 2.10
N VAL B 45 -2.96 20.07 3.38
CA VAL B 45 -2.29 21.15 4.11
C VAL B 45 -0.92 20.67 4.56
N TYR B 46 0.11 21.47 4.28
CA TYR B 46 1.48 21.12 4.62
C TYR B 46 2.11 22.21 5.48
N SER B 47 3.00 21.80 6.37
CA SER B 47 3.67 22.69 7.29
C SER B 47 4.99 23.16 6.69
N SER B 48 5.87 23.72 7.53
CA SER B 48 7.28 23.93 7.20
C SER B 48 7.56 24.59 5.85
N GLU B 56 13.28 25.24 -4.66
CA GLU B 56 13.17 24.74 -3.30
C GLU B 56 11.75 24.94 -2.75
N SER B 57 10.96 25.85 -3.41
CA SER B 57 9.66 26.31 -2.93
C SER B 57 8.54 25.42 -3.46
N PRO B 58 7.41 25.38 -2.74
CA PRO B 58 6.35 24.41 -3.11
C PRO B 58 5.82 24.58 -4.52
N SER B 59 5.71 25.82 -5.01
CA SER B 59 5.11 26.03 -6.33
C SER B 59 5.93 25.32 -7.42
N ALA B 60 7.22 25.62 -7.51
CA ALA B 60 8.07 25.00 -8.52
C ALA B 60 8.18 23.50 -8.32
N VAL B 61 8.13 23.03 -7.06
CA VAL B 61 8.23 21.60 -6.80
C VAL B 61 7.04 20.87 -7.36
N VAL B 62 5.84 21.42 -7.16
CA VAL B 62 4.63 20.76 -7.65
C VAL B 62 4.57 20.81 -9.17
N SER B 63 4.93 21.95 -9.76
CA SER B 63 4.80 22.09 -11.20
C SER B 63 5.83 21.24 -11.94
N ALA B 64 6.96 20.92 -11.29
CA ALA B 64 7.95 20.05 -11.90
C ALA B 64 7.46 18.61 -11.94
N SER B 65 7.11 18.07 -10.77
CA SER B 65 6.59 16.70 -10.70
C SER B 65 5.32 16.52 -11.52
N LEU B 66 4.52 17.58 -11.65
CA LEU B 66 3.34 17.54 -12.51
C LEU B 66 3.72 17.43 -13.97
N ALA B 67 4.70 18.20 -14.42
CA ALA B 67 5.14 18.13 -15.81
C ALA B 67 5.66 16.75 -16.16
N THR B 68 6.42 16.14 -15.25
CA THR B 68 6.97 14.83 -15.55
C THR B 68 5.90 13.75 -15.46
N ALA B 69 4.97 13.89 -14.52
CA ALA B 69 3.90 12.90 -14.40
C ALA B 69 2.95 12.96 -15.58
N LEU B 70 2.83 14.11 -16.21
CA LEU B 70 1.95 14.30 -17.36
C LEU B 70 2.49 13.66 -18.64
N VAL B 71 3.69 13.07 -18.60
CA VAL B 71 4.12 12.24 -19.72
C VAL B 71 3.36 10.92 -19.70
N HIS B 72 3.10 10.40 -18.49
CA HIS B 72 2.32 9.19 -18.30
C HIS B 72 0.84 9.51 -18.13
N TYR B 73 0.51 10.45 -17.25
CA TYR B 73 -0.86 10.85 -17.00
C TYR B 73 -1.26 12.03 -17.88
N TYR B 74 -0.94 11.96 -19.17
CA TYR B 74 -1.26 13.06 -20.07
C TYR B 74 -2.77 13.30 -20.27
N PRO B 75 -3.68 12.32 -20.12
CA PRO B 75 -5.10 12.64 -20.32
C PRO B 75 -5.66 13.64 -19.31
N LEU B 76 -5.01 13.85 -18.17
CA LEU B 76 -5.52 14.83 -17.21
C LEU B 76 -5.51 16.25 -17.78
N ALA B 77 -4.70 16.52 -18.79
CA ALA B 77 -4.71 17.77 -19.51
C ALA B 77 -5.68 17.78 -20.68
N GLY B 78 -6.47 16.71 -20.84
CA GLY B 78 -7.38 16.62 -21.96
C GLY B 78 -8.56 17.56 -21.82
N SER B 79 -9.51 17.42 -22.73
CA SER B 79 -10.76 18.18 -22.72
C SER B 79 -11.91 17.20 -22.82
N LEU B 80 -12.76 17.17 -21.81
CA LEU B 80 -13.96 16.35 -21.87
C LEU B 80 -14.99 17.00 -22.79
N ARG B 81 -15.67 16.16 -23.58
CA ARG B 81 -16.74 16.61 -24.44
C ARG B 81 -17.68 15.46 -24.73
N ARG B 82 -18.96 15.78 -24.87
CA ARG B 82 -19.94 14.77 -25.21
C ARG B 82 -19.77 14.35 -26.67
N SER B 83 -20.38 13.22 -27.03
CA SER B 83 -20.08 12.56 -28.28
C SER B 83 -21.19 12.74 -29.30
N ALA B 84 -20.84 12.50 -30.57
CA ALA B 84 -21.75 12.74 -31.68
C ALA B 84 -22.97 11.83 -31.62
N SER B 85 -22.74 10.54 -31.43
CA SER B 85 -23.83 9.57 -31.41
C SER B 85 -24.44 9.47 -30.02
N ASP B 86 -23.76 8.77 -29.11
CA ASP B 86 -24.23 8.66 -27.74
C ASP B 86 -23.92 9.94 -26.97
N ASN B 87 -24.68 10.15 -25.91
CA ASN B 87 -24.44 11.31 -25.05
C ASN B 87 -23.29 11.09 -24.08
N ARG B 88 -22.57 9.98 -24.19
CA ARG B 88 -21.46 9.68 -23.29
C ARG B 88 -20.30 10.66 -23.47
N PHE B 89 -19.44 10.70 -22.46
CA PHE B 89 -18.24 11.51 -22.51
C PHE B 89 -17.12 10.78 -23.26
N GLU B 90 -16.32 11.53 -23.99
CA GLU B 90 -15.04 11.05 -24.46
C GLU B 90 -14.01 12.15 -24.25
N LEU B 91 -12.77 11.74 -24.05
CA LEU B 91 -11.69 12.63 -23.64
C LEU B 91 -10.78 12.90 -24.83
N LEU B 92 -10.47 14.17 -25.07
CA LEU B 92 -9.67 14.60 -26.23
C LEU B 92 -8.29 15.02 -25.75
N CYS B 93 -7.28 14.28 -26.17
CA CYS B 93 -5.89 14.57 -25.82
C CYS B 93 -5.14 15.03 -27.07
N SER B 94 -4.15 15.91 -26.86
CA SER B 94 -3.33 16.40 -27.94
C SER B 94 -2.02 16.91 -27.36
N ALA B 95 -1.14 17.38 -28.25
CA ALA B 95 0.11 18.02 -27.84
C ALA B 95 -0.13 19.50 -27.57
N GLY B 96 0.39 19.98 -26.46
CA GLY B 96 0.17 21.35 -26.04
C GLY B 96 -0.88 21.53 -24.98
N GLN B 97 -1.67 20.49 -24.71
CA GLN B 97 -2.62 20.54 -23.59
C GLN B 97 -1.87 20.71 -22.28
N SER B 98 -2.47 21.46 -21.37
CA SER B 98 -1.83 21.77 -20.10
C SER B 98 -2.83 21.65 -18.96
N VAL B 99 -2.30 21.35 -17.78
CA VAL B 99 -3.07 21.36 -16.53
C VAL B 99 -2.80 22.71 -15.86
N PRO B 100 -3.79 23.59 -15.75
CA PRO B 100 -3.55 24.88 -15.07
C PRO B 100 -3.14 24.67 -13.62
N LEU B 101 -2.20 25.50 -13.18
CA LEU B 101 -1.73 25.52 -11.79
C LEU B 101 -1.90 26.93 -11.26
N VAL B 102 -2.84 27.09 -10.32
CA VAL B 102 -3.06 28.38 -9.68
C VAL B 102 -2.05 28.56 -8.56
N ASN B 103 -1.48 29.75 -8.48
CA ASN B 103 -0.69 30.17 -7.33
C ASN B 103 -1.49 31.21 -6.55
N ALA B 104 -1.58 31.03 -5.24
CA ALA B 104 -2.35 31.94 -4.40
C ALA B 104 -1.54 32.27 -3.15
N THR B 105 -2.02 33.27 -2.41
CA THR B 105 -1.30 33.74 -1.23
C THR B 105 -2.28 34.40 -0.26
N VAL B 106 -2.45 33.80 0.91
CA VAL B 106 -3.33 34.34 1.94
C VAL B 106 -2.45 34.95 3.03
N ASN B 107 -2.87 36.11 3.54
CA ASN B 107 -1.98 36.98 4.31
C ASN B 107 -1.87 36.63 5.78
N CYS B 108 -2.29 35.43 6.18
CA CYS B 108 -2.14 34.98 7.56
C CYS B 108 -1.26 33.73 7.59
N THR B 109 -0.87 33.34 8.80
CA THR B 109 -0.25 32.05 9.02
C THR B 109 -1.34 31.00 9.27
N LEU B 110 -1.07 29.77 8.84
CA LEU B 110 -2.08 28.72 8.94
C LEU B 110 -2.20 28.15 10.35
N GLU B 111 -1.21 28.39 11.22
CA GLU B 111 -1.38 28.07 12.63
C GLU B 111 -2.50 28.90 13.26
N SER B 112 -2.71 30.13 12.76
CA SER B 112 -3.77 30.97 13.31
C SER B 112 -5.16 30.42 13.01
N VAL B 113 -5.30 29.61 11.96
CA VAL B 113 -6.59 29.02 11.60
C VAL B 113 -6.62 27.53 11.93
N GLY B 114 -5.69 27.06 12.77
CA GLY B 114 -5.70 25.68 13.21
C GLY B 114 -5.49 24.67 12.10
N TYR B 115 -4.68 25.02 11.10
CA TYR B 115 -4.39 24.14 9.96
C TYR B 115 -5.67 23.70 9.26
N LEU B 116 -6.69 24.55 9.33
CA LEU B 116 -7.98 24.33 8.69
C LEU B 116 -8.64 23.03 9.11
N ASP B 117 -8.28 22.52 10.29
CA ASP B 117 -8.89 21.31 10.81
C ASP B 117 -10.19 21.60 11.53
N GLY B 118 -10.31 22.78 12.13
CA GLY B 118 -11.51 23.19 12.82
C GLY B 118 -12.50 23.87 11.90
N PRO B 119 -13.19 24.89 12.42
CA PRO B 119 -14.22 25.56 11.61
C PRO B 119 -13.62 26.43 10.51
N ASP B 120 -14.41 26.59 9.45
CA ASP B 120 -13.98 27.39 8.31
C ASP B 120 -13.75 28.83 8.74
N PRO B 121 -12.59 29.42 8.46
CA PRO B 121 -12.40 30.85 8.73
C PRO B 121 -12.81 31.79 7.60
N GLY B 122 -13.44 31.29 6.54
CA GLY B 122 -13.95 32.17 5.50
C GLY B 122 -13.49 31.91 4.08
N PHE B 123 -12.23 31.50 3.89
CA PHE B 123 -11.63 31.43 2.56
C PHE B 123 -11.36 30.02 2.06
N VAL B 124 -11.76 28.99 2.80
CA VAL B 124 -11.43 27.61 2.44
C VAL B 124 -11.96 27.27 1.05
N GLU B 125 -13.16 27.77 0.72
CA GLU B 125 -13.75 27.47 -0.58
C GLU B 125 -12.97 28.08 -1.73
N ARG B 126 -12.22 29.14 -1.50
CA ARG B 126 -11.38 29.72 -2.54
C ARG B 126 -9.99 29.08 -2.62
N LEU B 127 -9.74 28.03 -1.84
CA LEU B 127 -8.46 27.33 -1.83
C LEU B 127 -8.35 26.26 -2.90
N VAL B 128 -9.32 26.19 -3.81
CA VAL B 128 -9.27 25.26 -4.94
C VAL B 128 -10.30 25.75 -5.94
N PRO B 129 -9.94 25.86 -7.23
CA PRO B 129 -10.86 26.46 -8.20
C PRO B 129 -12.19 25.74 -8.22
N ASP B 130 -13.26 26.53 -8.35
CA ASP B 130 -14.64 26.02 -8.31
C ASP B 130 -15.30 26.20 -9.67
N PRO B 131 -15.09 25.29 -10.61
CA PRO B 131 -15.77 25.39 -11.90
C PRO B 131 -17.12 24.69 -11.87
N THR B 132 -18.12 25.36 -12.41
CA THR B 132 -19.39 24.70 -12.64
C THR B 132 -19.22 23.73 -13.81
N ARG B 133 -19.75 22.53 -13.62
CA ARG B 133 -19.23 21.32 -14.24
C ARG B 133 -18.99 21.36 -15.75
N GLU B 134 -19.23 22.50 -16.42
CA GLU B 134 -19.01 22.56 -17.85
C GLU B 134 -17.70 23.22 -18.22
N GLU B 135 -17.21 24.17 -17.42
CA GLU B 135 -15.81 24.57 -17.50
C GLU B 135 -14.89 23.56 -16.83
N GLY B 136 -15.45 22.60 -16.11
CA GLY B 136 -14.74 21.45 -15.60
C GLY B 136 -14.59 20.33 -16.59
N MET B 137 -15.13 20.48 -17.81
CA MET B 137 -14.83 19.57 -18.90
C MET B 137 -13.66 20.08 -19.73
N VAL B 138 -13.60 21.39 -19.96
CA VAL B 138 -12.45 22.00 -20.62
C VAL B 138 -11.17 21.65 -19.87
N ASN B 139 -11.17 21.88 -18.57
CA ASN B 139 -10.02 21.57 -17.70
C ASN B 139 -10.50 20.62 -16.63
N PRO B 140 -10.51 19.31 -16.89
CA PRO B 140 -10.99 18.35 -15.90
C PRO B 140 -9.98 18.00 -14.80
N CYS B 141 -8.84 18.68 -14.77
CA CYS B 141 -7.89 18.54 -13.66
C CYS B 141 -7.23 19.89 -13.46
N ILE B 142 -7.42 20.48 -12.26
CA ILE B 142 -6.89 21.79 -11.95
C ILE B 142 -6.22 21.73 -10.57
N LEU B 143 -5.00 22.25 -10.48
CA LEU B 143 -4.23 22.27 -9.25
C LEU B 143 -4.07 23.71 -8.78
N GLN B 144 -3.83 23.87 -7.49
CA GLN B 144 -3.63 25.18 -6.90
C GLN B 144 -2.68 25.06 -5.72
N VAL B 145 -1.74 26.00 -5.62
CA VAL B 145 -0.79 26.07 -4.52
C VAL B 145 -0.99 27.42 -3.85
N THR B 146 -1.61 27.43 -2.69
CA THR B 146 -1.74 28.64 -1.88
C THR B 146 -0.62 28.69 -0.87
N MET B 147 0.12 29.81 -0.85
CA MET B 147 1.23 29.99 0.08
C MET B 147 0.79 30.85 1.26
N PHE B 148 1.05 30.38 2.47
CA PHE B 148 0.74 31.13 3.68
C PHE B 148 1.98 31.88 4.15
N GLN B 149 1.75 32.89 4.99
CA GLN B 149 2.87 33.66 5.54
C GLN B 149 3.62 32.91 6.63
N CYS B 150 3.11 31.75 7.05
CA CYS B 150 3.79 30.98 8.10
C CYS B 150 5.09 30.38 7.61
N GLY B 151 5.13 29.93 6.36
CA GLY B 151 6.11 28.95 5.96
C GLY B 151 5.36 27.64 5.85
N GLY B 152 4.33 27.65 5.01
CA GLY B 152 3.42 26.53 4.89
C GLY B 152 2.43 26.83 3.79
N TRP B 153 1.79 25.77 3.29
CA TRP B 153 1.04 25.88 2.05
C TRP B 153 -0.06 24.83 1.97
N VAL B 154 -0.90 24.97 0.96
CA VAL B 154 -2.04 24.09 0.73
C VAL B 154 -2.06 23.69 -0.75
N LEU B 155 -2.45 22.45 -1.03
CA LEU B 155 -2.52 21.92 -2.39
C LEU B 155 -3.95 21.51 -2.67
N GLY B 156 -4.65 22.30 -3.48
CA GLY B 156 -6.01 21.99 -3.88
C GLY B 156 -6.08 21.33 -5.25
N ALA B 157 -7.13 20.54 -5.47
CA ALA B 157 -7.29 19.78 -6.71
C ALA B 157 -8.75 19.71 -7.08
N SER B 158 -9.07 20.11 -8.32
CA SER B 158 -10.42 20.04 -8.88
C SER B 158 -10.38 19.11 -10.07
N ILE B 159 -10.66 17.83 -9.84
CA ILE B 159 -10.58 16.79 -10.87
C ILE B 159 -11.98 16.29 -11.16
N HIS B 160 -12.34 16.26 -12.44
CA HIS B 160 -13.65 15.75 -12.84
C HIS B 160 -13.76 14.27 -12.49
N HIS B 161 -14.86 13.90 -11.85
CA HIS B 161 -15.00 12.55 -11.29
C HIS B 161 -15.05 11.47 -12.35
N ALA B 162 -15.40 11.81 -13.59
CA ALA B 162 -15.43 10.81 -14.65
C ALA B 162 -14.05 10.28 -14.98
N ILE B 163 -13.00 11.09 -14.73
CA ILE B 163 -11.66 10.70 -15.15
C ILE B 163 -11.07 9.67 -14.21
N CYS B 164 -11.26 9.84 -12.89
CA CYS B 164 -10.62 8.96 -11.92
C CYS B 164 -11.41 8.94 -10.62
N ASP B 165 -11.33 7.81 -9.92
CA ASP B 165 -11.95 7.65 -8.61
C ASP B 165 -10.95 8.10 -7.55
N GLY B 166 -11.13 7.68 -6.30
CA GLY B 166 -10.19 8.06 -5.27
C GLY B 166 -8.84 7.40 -5.42
N LEU B 167 -8.83 6.07 -5.57
CA LEU B 167 -7.56 5.35 -5.70
C LEU B 167 -6.82 5.77 -6.97
N GLY B 168 -7.55 6.10 -8.03
CA GLY B 168 -6.89 6.55 -9.24
C GLY B 168 -6.17 7.87 -9.05
N ALA B 169 -6.86 8.84 -8.43
CA ALA B 169 -6.19 10.09 -8.12
C ALA B 169 -5.06 9.90 -7.13
N SER B 170 -5.14 8.86 -6.29
CA SER B 170 -4.04 8.55 -5.38
C SER B 170 -2.79 8.13 -6.15
N LEU B 171 -2.96 7.22 -7.11
CA LEU B 171 -1.84 6.80 -7.96
C LEU B 171 -1.17 8.00 -8.61
N PHE B 172 -1.97 8.94 -9.11
CA PHE B 172 -1.42 10.11 -9.80
C PHE B 172 -0.64 10.98 -8.83
N PHE B 173 -1.21 11.26 -7.65
CA PHE B 173 -0.53 12.14 -6.70
C PHE B 173 0.64 11.45 -6.03
N ASN B 174 0.59 10.12 -5.87
CA ASN B 174 1.78 9.40 -5.41
C ASN B 174 2.87 9.43 -6.46
N ALA B 175 2.50 9.52 -7.75
CA ALA B 175 3.51 9.63 -8.80
C ALA B 175 4.18 10.99 -8.76
N MET B 176 3.39 12.06 -8.66
CA MET B 176 3.95 13.39 -8.49
C MET B 176 4.83 13.47 -7.24
N ALA B 177 4.33 12.94 -6.13
CA ALA B 177 5.07 13.05 -4.86
C ALA B 177 6.43 12.36 -4.94
N GLU B 178 6.46 11.12 -5.46
CA GLU B 178 7.72 10.39 -5.52
C GLU B 178 8.70 11.07 -6.47
N LEU B 179 8.20 11.63 -7.57
CA LEU B 179 9.06 12.35 -8.50
C LEU B 179 9.71 13.55 -7.83
N ALA B 180 8.96 14.26 -6.99
CA ALA B 180 9.50 15.39 -6.24
C ALA B 180 10.51 14.95 -5.18
N ARG B 181 10.43 13.69 -4.72
CA ARG B 181 11.39 13.15 -3.78
C ARG B 181 12.60 12.54 -4.47
N GLY B 182 12.76 12.75 -5.78
CA GLY B 182 13.92 12.27 -6.49
C GLY B 182 13.80 10.88 -7.09
N ALA B 183 12.59 10.33 -7.17
CA ALA B 183 12.41 9.03 -7.80
C ALA B 183 12.80 9.10 -9.26
N THR B 184 13.39 8.01 -9.75
CA THR B 184 13.93 8.05 -11.11
C THR B 184 12.87 7.73 -12.15
N LYS B 185 11.93 6.83 -11.83
CA LYS B 185 10.81 6.54 -12.71
C LYS B 185 9.59 6.24 -11.84
N ILE B 186 8.41 6.57 -12.39
CA ILE B 186 7.17 6.34 -11.66
C ILE B 186 7.04 4.86 -11.36
N SER B 187 6.65 4.54 -10.12
CA SER B 187 6.71 3.17 -9.64
C SER B 187 5.69 2.27 -10.35
N ILE B 188 4.55 2.83 -10.73
CA ILE B 188 3.49 2.08 -11.39
C ILE B 188 3.09 2.84 -12.66
N GLU B 189 3.13 2.15 -13.78
CA GLU B 189 2.75 2.78 -15.04
C GLU B 189 1.23 2.85 -15.15
N PRO B 190 0.66 4.02 -15.43
CA PRO B 190 -0.78 4.10 -15.68
C PRO B 190 -1.23 3.17 -16.80
N VAL B 191 -2.43 2.61 -16.64
CA VAL B 191 -3.06 1.78 -17.66
C VAL B 191 -4.40 2.41 -18.01
N TRP B 192 -4.62 2.65 -19.29
CA TRP B 192 -5.93 3.11 -19.74
C TRP B 192 -6.75 1.91 -20.15
N ASP B 193 -7.07 1.80 -21.45
CA ASP B 193 -7.76 0.62 -22.00
C ASP B 193 -9.02 0.29 -21.20
N ARG B 194 -9.86 1.31 -21.01
CA ARG B 194 -11.02 1.21 -20.15
C ARG B 194 -12.23 0.58 -20.84
N GLU B 195 -12.37 0.73 -22.15
CA GLU B 195 -13.47 0.09 -22.85
C GLU B 195 -13.27 -1.41 -23.00
N ARG B 196 -12.04 -1.89 -22.85
CA ARG B 196 -11.78 -3.33 -22.81
C ARG B 196 -12.11 -3.90 -21.43
N LEU B 197 -11.50 -3.34 -20.39
CA LEU B 197 -11.62 -3.93 -19.06
C LEU B 197 -13.01 -3.78 -18.49
N LEU B 198 -13.58 -2.57 -18.52
CA LEU B 198 -14.86 -2.33 -17.87
C LEU B 198 -15.95 -2.02 -18.88
N GLY B 199 -16.22 -2.95 -19.79
CA GLY B 199 -17.19 -2.76 -20.83
C GLY B 199 -18.38 -3.68 -20.72
N PRO B 200 -19.45 -3.35 -21.43
CA PRO B 200 -20.68 -4.17 -21.35
C PRO B 200 -20.53 -5.48 -22.10
N ARG B 201 -21.34 -6.45 -21.69
CA ARG B 201 -21.39 -7.74 -22.36
C ARG B 201 -22.23 -7.64 -23.63
N GLU B 202 -22.03 -8.59 -24.55
CA GLU B 202 -22.73 -8.56 -25.83
C GLU B 202 -24.24 -8.67 -25.64
N LYS B 203 -24.69 -9.60 -24.80
CA LYS B 203 -26.10 -9.69 -24.44
C LYS B 203 -26.28 -9.11 -23.05
N PRO B 204 -26.55 -7.81 -22.93
CA PRO B 204 -26.57 -7.17 -21.61
C PRO B 204 -27.61 -7.80 -20.69
N TRP B 205 -27.19 -8.08 -19.46
CA TRP B 205 -28.02 -8.76 -18.47
C TRP B 205 -27.81 -8.10 -17.11
N VAL B 206 -28.90 -7.79 -16.42
CA VAL B 206 -28.84 -7.13 -15.12
C VAL B 206 -29.65 -7.94 -14.13
N GLY B 207 -29.03 -8.24 -12.98
CA GLY B 207 -29.69 -9.05 -11.97
C GLY B 207 -30.51 -8.23 -11.00
N ALA B 208 -31.22 -8.94 -10.13
CA ALA B 208 -32.05 -8.28 -9.13
C ALA B 208 -31.28 -7.32 -8.21
N PRO B 209 -30.08 -7.65 -7.70
CA PRO B 209 -29.41 -6.70 -6.78
C PRO B 209 -29.20 -5.31 -7.36
N VAL B 210 -29.19 -5.16 -8.68
CA VAL B 210 -29.04 -3.84 -9.28
C VAL B 210 -30.39 -3.21 -9.63
N ARG B 211 -31.33 -4.02 -10.11
CA ARG B 211 -32.64 -3.50 -10.50
C ARG B 211 -33.46 -3.03 -9.30
N ASP B 212 -33.32 -3.69 -8.14
CA ASP B 212 -34.08 -3.34 -6.96
C ASP B 212 -33.64 -2.02 -6.34
N PHE B 213 -32.61 -1.39 -6.89
CA PHE B 213 -32.00 -0.20 -6.32
C PHE B 213 -32.08 1.02 -7.22
N LEU B 214 -32.07 0.84 -8.54
CA LEU B 214 -32.01 1.94 -9.49
C LEU B 214 -33.34 2.13 -10.19
N SER B 215 -33.61 3.37 -10.60
CA SER B 215 -34.82 3.73 -11.31
C SER B 215 -34.47 4.66 -12.45
N LEU B 216 -35.44 4.90 -13.33
CA LEU B 216 -35.25 5.73 -14.51
C LEU B 216 -36.19 6.92 -14.49
N ASP B 217 -35.65 8.09 -14.82
CA ASP B 217 -36.42 9.33 -14.90
C ASP B 217 -35.54 10.41 -15.51
N LYS B 218 -35.79 10.74 -16.79
CA LYS B 218 -35.00 11.76 -17.46
C LYS B 218 -35.08 13.11 -16.78
N ASP B 219 -36.09 13.34 -15.93
CA ASP B 219 -36.34 14.64 -15.35
C ASP B 219 -35.80 14.80 -13.94
N PHE B 220 -35.13 13.78 -13.40
CA PHE B 220 -34.66 13.80 -12.01
C PHE B 220 -33.18 14.14 -12.00
N ASP B 221 -32.86 15.31 -11.44
CA ASP B 221 -31.48 15.69 -11.19
C ASP B 221 -31.17 15.37 -9.73
N PRO B 222 -30.41 14.31 -9.42
CA PRO B 222 -30.15 13.99 -8.01
C PRO B 222 -29.49 15.12 -7.24
N TYR B 223 -28.83 16.07 -7.89
CA TYR B 223 -28.15 17.17 -7.22
C TYR B 223 -28.93 18.48 -7.29
N GLY B 224 -30.12 18.47 -7.90
CA GLY B 224 -30.94 19.65 -8.04
C GLY B 224 -32.11 19.75 -7.09
N GLN B 225 -32.20 18.86 -6.10
CA GLN B 225 -33.31 18.90 -5.15
C GLN B 225 -33.31 20.20 -4.36
N ALA B 226 -34.50 20.74 -4.12
CA ALA B 226 -34.65 21.94 -3.29
C ALA B 226 -34.82 21.50 -1.84
N ILE B 227 -33.69 21.24 -1.19
CA ILE B 227 -33.64 20.89 0.22
C ILE B 227 -33.03 21.99 1.08
N GLY B 228 -32.64 23.10 0.49
CA GLY B 228 -32.13 24.25 1.22
C GLY B 228 -30.64 24.45 1.01
N ASP B 229 -30.09 25.42 1.73
CA ASP B 229 -28.67 25.68 1.70
C ASP B 229 -27.95 24.66 2.57
N VAL B 230 -27.03 23.91 1.98
CA VAL B 230 -26.36 22.81 2.65
C VAL B 230 -25.10 23.32 3.34
N LYS B 231 -24.82 22.80 4.54
CA LYS B 231 -23.71 23.26 5.36
C LYS B 231 -22.73 22.13 5.62
N ARG B 232 -21.48 22.51 5.91
CA ARG B 232 -20.40 21.57 6.20
C ARG B 232 -20.07 21.64 7.68
N ASP B 233 -19.94 20.47 8.33
CA ASP B 233 -19.72 20.42 9.76
C ASP B 233 -18.86 19.21 10.11
N CYS B 234 -17.80 19.44 10.87
CA CYS B 234 -16.90 18.38 11.31
C CYS B 234 -17.25 17.97 12.74
N PHE B 235 -16.85 16.74 13.08
CA PHE B 235 -17.10 16.16 14.40
C PHE B 235 -16.00 15.19 14.72
N PHE B 236 -15.41 15.32 15.91
CA PHE B 236 -14.44 14.36 16.40
C PHE B 236 -15.15 13.20 17.11
N VAL B 237 -14.61 12.01 16.91
CA VAL B 237 -15.19 10.77 17.45
C VAL B 237 -14.04 9.88 17.91
N THR B 238 -14.14 9.40 19.14
CA THR B 238 -13.05 8.66 19.79
C THR B 238 -13.19 7.16 19.55
N ASP B 239 -12.03 6.48 19.56
CA ASP B 239 -12.01 5.02 19.60
C ASP B 239 -12.64 4.47 20.86
N ASP B 240 -12.67 5.28 21.93
CA ASP B 240 -13.33 4.88 23.17
C ASP B 240 -14.82 4.64 22.93
N SER B 241 -15.50 5.63 22.36
CA SER B 241 -16.95 5.54 22.19
C SER B 241 -17.32 4.43 21.20
N LEU B 242 -16.48 4.21 20.19
CA LEU B 242 -16.76 3.17 19.20
C LEU B 242 -16.78 1.79 19.85
N ASP B 243 -15.75 1.48 20.65
CA ASP B 243 -15.73 0.21 21.36
C ASP B 243 -16.85 0.12 22.39
N GLN B 244 -17.18 1.24 23.05
CA GLN B 244 -18.37 1.30 23.88
C GLN B 244 -19.60 0.89 23.10
N LEU B 245 -19.72 1.41 21.87
CA LEU B 245 -20.89 1.17 21.03
C LEU B 245 -20.89 -0.23 20.42
N LYS B 246 -19.72 -0.70 19.94
CA LYS B 246 -19.65 -2.03 19.37
C LYS B 246 -20.02 -3.10 20.39
N ALA B 247 -19.71 -2.86 21.66
CA ALA B 247 -19.97 -3.87 22.70
C ALA B 247 -21.45 -3.90 23.09
N GLN B 248 -22.08 -2.73 23.22
CA GLN B 248 -23.50 -2.69 23.51
C GLN B 248 -24.30 -3.30 22.38
N LEU B 249 -23.93 -3.00 21.12
CA LEU B 249 -24.53 -3.67 19.98
C LEU B 249 -24.31 -5.18 20.04
N LEU B 250 -23.20 -5.61 20.63
CA LEU B 250 -22.89 -7.03 20.74
C LEU B 250 -23.74 -7.70 21.81
N GLU B 251 -24.05 -6.98 22.88
CA GLU B 251 -24.91 -7.53 23.92
C GLU B 251 -26.32 -7.75 23.42
N LYS B 252 -26.76 -6.94 22.46
CA LYS B 252 -28.12 -7.02 21.93
C LYS B 252 -28.21 -7.92 20.69
N SER B 253 -27.42 -7.60 19.66
CA SER B 253 -27.57 -8.28 18.38
C SER B 253 -26.87 -9.63 18.32
N GLY B 254 -25.96 -9.91 19.25
CA GLY B 254 -25.14 -11.09 19.14
C GLY B 254 -24.23 -11.09 17.93
N LEU B 255 -23.90 -9.92 17.42
CA LEU B 255 -23.04 -9.78 16.24
C LEU B 255 -22.05 -8.66 16.49
N ASN B 256 -20.86 -8.79 15.88
CA ASN B 256 -19.83 -7.77 15.96
C ASN B 256 -19.89 -6.91 14.70
N PHE B 257 -19.91 -5.60 14.89
CA PHE B 257 -20.05 -4.66 13.79
C PHE B 257 -18.76 -3.90 13.57
N THR B 258 -18.43 -3.66 12.31
CA THR B 258 -17.33 -2.77 12.00
C THR B 258 -17.70 -1.35 12.37
N THR B 259 -16.68 -0.51 12.52
CA THR B 259 -16.91 0.92 12.76
C THR B 259 -17.83 1.50 11.69
N PHE B 260 -17.54 1.22 10.43
CA PHE B 260 -18.32 1.76 9.32
C PHE B 260 -19.78 1.32 9.40
N GLU B 261 -20.02 0.07 9.81
CA GLU B 261 -21.40 -0.40 9.97
C GLU B 261 -22.11 0.36 11.09
N ALA B 262 -21.50 0.38 12.27
CA ALA B 262 -22.16 0.88 13.48
C ALA B 262 -22.21 2.40 13.52
N LEU B 263 -21.10 3.08 13.22
CA LEU B 263 -21.12 4.53 13.15
C LEU B 263 -21.93 5.00 11.94
N GLY B 264 -21.90 4.24 10.84
CA GLY B 264 -22.74 4.58 9.70
C GLY B 264 -24.21 4.48 10.02
N ALA B 265 -24.60 3.45 10.79
CA ALA B 265 -26.00 3.29 11.16
C ALA B 265 -26.47 4.45 12.01
N TYR B 266 -25.69 4.81 13.03
CA TYR B 266 -26.09 5.86 13.95
C TYR B 266 -26.21 7.22 13.26
N ILE B 267 -25.28 7.51 12.34
CA ILE B 267 -25.31 8.79 11.62
C ILE B 267 -26.48 8.82 10.64
N TRP B 268 -26.75 7.69 9.98
CA TRP B 268 -27.88 7.62 9.06
C TRP B 268 -29.20 7.92 9.78
N ARG B 269 -29.41 7.29 10.94
CA ARG B 269 -30.66 7.51 11.67
C ARG B 269 -30.75 8.92 12.20
N ALA B 270 -29.65 9.45 12.72
CA ALA B 270 -29.65 10.83 13.23
C ALA B 270 -29.87 11.84 12.12
N LYS B 271 -29.43 11.52 10.89
CA LYS B 271 -29.61 12.42 9.76
C LYS B 271 -31.05 12.40 9.26
N VAL B 272 -31.65 11.22 9.13
CA VAL B 272 -32.98 11.11 8.56
C VAL B 272 -34.04 11.63 9.53
N ARG B 273 -33.82 11.41 10.84
CA ARG B 273 -34.76 11.89 11.85
C ARG B 273 -34.64 13.40 12.01
N ALA B 274 -33.43 13.94 11.99
CA ALA B 274 -33.26 15.39 12.11
C ALA B 274 -33.83 16.13 10.90
N ALA B 275 -33.85 15.49 9.73
CA ALA B 275 -34.43 16.08 8.53
C ALA B 275 -35.93 15.83 8.40
N LYS B 276 -36.53 15.19 9.40
CA LYS B 276 -37.98 15.00 9.49
C LYS B 276 -38.55 14.39 8.21
N THR B 277 -38.00 13.22 7.85
CA THR B 277 -38.46 12.53 6.65
C THR B 277 -39.76 11.79 6.92
N GLU B 278 -40.68 11.86 5.96
CA GLU B 278 -41.95 11.16 6.08
C GLU B 278 -41.71 9.68 6.38
N GLU B 279 -42.62 9.10 7.17
CA GLU B 279 -42.41 7.76 7.71
C GLU B 279 -42.31 6.69 6.63
N LYS B 280 -42.75 6.98 5.40
CA LYS B 280 -42.80 5.97 4.34
C LYS B 280 -42.05 6.40 3.09
N GLU B 281 -41.21 7.43 3.19
CA GLU B 281 -40.28 7.72 2.11
C GLU B 281 -39.14 6.71 2.11
N ASN B 282 -38.86 6.13 0.95
CA ASN B 282 -37.72 5.23 0.81
C ASN B 282 -36.43 6.02 0.95
N VAL B 283 -35.56 5.59 1.86
CA VAL B 283 -34.27 6.24 2.10
C VAL B 283 -33.17 5.22 1.90
N LYS B 284 -31.97 5.71 1.55
CA LYS B 284 -30.89 4.83 1.14
C LYS B 284 -29.55 5.24 1.75
N PHE B 285 -28.77 4.23 2.11
CA PHE B 285 -27.41 4.37 2.59
C PHE B 285 -26.47 3.86 1.50
N VAL B 286 -25.60 4.73 0.99
CA VAL B 286 -24.84 4.46 -0.22
C VAL B 286 -23.36 4.71 0.03
N TYR B 287 -22.51 3.83 -0.50
CA TYR B 287 -21.07 3.96 -0.34
C TYR B 287 -20.36 3.26 -1.50
N SER B 288 -19.19 3.80 -1.84
CA SER B 288 -18.37 3.25 -2.90
C SER B 288 -17.42 2.20 -2.35
N ILE B 289 -17.12 1.19 -3.17
CA ILE B 289 -16.14 0.17 -2.81
C ILE B 289 -15.32 -0.18 -4.04
N ASN B 290 -14.02 -0.35 -3.83
CA ASN B 290 -13.11 -0.70 -4.90
C ASN B 290 -13.28 -2.16 -5.30
N ILE B 291 -13.40 -2.41 -6.61
CA ILE B 291 -13.59 -3.75 -7.15
C ILE B 291 -12.43 -4.18 -8.04
N ARG B 292 -11.30 -3.47 -7.99
CA ARG B 292 -10.17 -3.80 -8.85
C ARG B 292 -9.71 -5.24 -8.64
N ARG B 293 -9.52 -5.63 -7.38
CA ARG B 293 -9.05 -6.96 -7.04
C ARG B 293 -10.17 -8.00 -7.06
N LEU B 294 -11.38 -7.63 -7.46
CA LEU B 294 -12.54 -8.51 -7.38
C LEU B 294 -13.06 -8.97 -8.73
N MET B 295 -12.82 -8.22 -9.80
CA MET B 295 -13.18 -8.69 -11.13
C MET B 295 -12.43 -9.99 -11.42
N ASN B 296 -13.01 -10.80 -12.30
CA ASN B 296 -12.41 -12.06 -12.74
C ASN B 296 -12.31 -12.01 -14.25
N PRO B 297 -11.17 -11.58 -14.81
CA PRO B 297 -9.88 -11.33 -14.16
C PRO B 297 -9.76 -10.00 -13.42
N PRO B 298 -8.89 -9.93 -12.40
CA PRO B 298 -8.69 -8.69 -11.68
C PRO B 298 -8.13 -7.60 -12.58
N LEU B 299 -8.42 -6.36 -12.22
CA LEU B 299 -7.99 -5.20 -12.98
C LEU B 299 -6.48 -4.97 -12.81
N PRO B 300 -5.83 -4.37 -13.80
CA PRO B 300 -4.37 -4.24 -13.75
C PRO B 300 -3.94 -3.32 -12.62
N LYS B 301 -2.65 -3.41 -12.28
CA LYS B 301 -2.12 -2.68 -11.14
C LYS B 301 -2.33 -1.17 -11.30
N GLY B 302 -2.08 -0.65 -12.50
CA GLY B 302 -2.12 0.78 -12.72
C GLY B 302 -3.42 1.32 -13.28
N TYR B 303 -4.54 0.64 -13.03
CA TYR B 303 -5.83 1.16 -13.45
C TYR B 303 -6.21 2.32 -12.55
N TRP B 304 -6.27 3.52 -13.13
CA TRP B 304 -6.56 4.72 -12.36
C TRP B 304 -7.89 5.37 -12.72
N GLY B 305 -8.71 4.74 -13.57
CA GLY B 305 -10.06 5.20 -13.78
C GLY B 305 -10.93 4.82 -12.59
N ASN B 306 -12.24 4.94 -12.79
CA ASN B 306 -13.18 4.55 -11.74
C ASN B 306 -13.23 3.04 -11.64
N GLY B 307 -12.81 2.51 -10.50
CA GLY B 307 -12.88 1.09 -10.25
C GLY B 307 -13.74 0.77 -9.05
N CYS B 308 -14.90 1.42 -8.95
CA CYS B 308 -15.75 1.31 -7.77
C CYS B 308 -17.20 1.28 -8.19
N VAL B 309 -17.96 0.34 -7.61
CA VAL B 309 -19.41 0.31 -7.75
C VAL B 309 -20.03 0.91 -6.49
N PRO B 310 -21.17 1.58 -6.58
CA PRO B 310 -21.90 1.95 -5.36
C PRO B 310 -22.70 0.78 -4.82
N MET B 311 -22.68 0.64 -3.50
CA MET B 311 -23.48 -0.35 -2.79
C MET B 311 -24.49 0.35 -1.90
N TYR B 312 -25.62 -0.31 -1.65
CA TYR B 312 -26.76 0.34 -1.02
C TYR B 312 -27.42 -0.53 0.03
N ALA B 313 -28.06 0.12 0.98
CA ALA B 313 -29.07 -0.46 1.85
C ALA B 313 -30.24 0.51 1.91
N GLN B 314 -31.46 0.00 1.69
CA GLN B 314 -32.63 0.85 1.64
C GLN B 314 -33.65 0.40 2.69
N ILE B 315 -34.48 1.36 3.10
CA ILE B 315 -35.44 1.13 4.17
C ILE B 315 -36.40 2.31 4.18
N LYS B 316 -37.54 2.15 4.85
CA LYS B 316 -38.42 3.30 5.07
C LYS B 316 -37.83 4.17 6.17
N ALA B 317 -38.03 5.49 6.02
CA ALA B 317 -37.54 6.40 7.06
C ALA B 317 -38.19 6.11 8.41
N GLY B 318 -39.46 5.69 8.40
CA GLY B 318 -40.14 5.37 9.64
C GLY B 318 -39.50 4.19 10.34
N GLU B 319 -39.19 3.13 9.59
CA GLU B 319 -38.51 1.99 10.18
C GLU B 319 -37.13 2.36 10.67
N LEU B 320 -36.38 3.16 9.90
CA LEU B 320 -35.03 3.54 10.29
C LEU B 320 -35.01 4.32 11.59
N ILE B 321 -35.87 5.33 11.70
CA ILE B 321 -35.85 6.22 12.87
C ILE B 321 -36.38 5.57 14.13
N GLU B 322 -36.93 4.36 14.03
CA GLU B 322 -37.61 3.76 15.17
C GLU B 322 -37.08 2.37 15.53
N GLN B 323 -36.59 1.62 14.55
CA GLN B 323 -36.06 0.29 14.86
C GLN B 323 -34.70 0.43 15.55
N PRO B 324 -34.25 -0.61 16.24
CA PRO B 324 -32.96 -0.54 16.92
C PRO B 324 -31.80 -0.38 15.94
N ILE B 325 -30.71 0.21 16.44
CA ILE B 325 -29.54 0.44 15.62
C ILE B 325 -28.97 -0.88 15.10
N TRP B 326 -29.03 -1.94 15.91
CA TRP B 326 -28.40 -3.19 15.54
C TRP B 326 -29.16 -3.94 14.44
N LYS B 327 -30.37 -3.50 14.09
CA LYS B 327 -31.01 -3.98 12.87
C LYS B 327 -30.63 -3.12 11.66
N THR B 328 -30.42 -1.82 11.87
CA THR B 328 -29.92 -0.97 10.81
C THR B 328 -28.49 -1.32 10.45
N ALA B 329 -27.62 -1.44 11.45
CA ALA B 329 -26.24 -1.83 11.20
C ALA B 329 -26.17 -3.22 10.58
N GLU B 330 -27.06 -4.12 11.01
CA GLU B 330 -27.15 -5.43 10.36
C GLU B 330 -27.51 -5.28 8.89
N LEU B 331 -28.42 -4.36 8.58
CA LEU B 331 -28.79 -4.09 7.19
C LEU B 331 -27.60 -3.60 6.38
N ILE B 332 -26.83 -2.67 6.93
CA ILE B 332 -25.64 -2.17 6.24
C ILE B 332 -24.61 -3.27 6.07
N LYS B 333 -24.51 -4.17 7.05
CA LYS B 333 -23.62 -5.32 6.92
C LYS B 333 -24.07 -6.23 5.78
N GLN B 334 -25.37 -6.46 5.64
CA GLN B 334 -25.88 -7.28 4.55
C GLN B 334 -25.62 -6.65 3.18
N SER B 335 -25.37 -5.34 3.12
CA SER B 335 -25.19 -4.68 1.83
C SER B 335 -23.87 -5.05 1.18
N LYS B 336 -22.80 -5.16 1.96
CA LYS B 336 -21.50 -5.53 1.39
C LYS B 336 -21.44 -7.00 1.01
N SER B 337 -22.52 -7.76 1.26
CA SER B 337 -22.60 -9.12 0.74
C SER B 337 -22.76 -9.13 -0.78
N ASN B 338 -23.49 -8.15 -1.33
CA ASN B 338 -23.78 -8.11 -2.75
C ASN B 338 -22.53 -7.91 -3.61
N THR B 339 -21.44 -7.42 -3.03
CA THR B 339 -20.23 -7.16 -3.78
C THR B 339 -19.71 -8.44 -4.43
N SER B 340 -19.69 -8.47 -5.76
CA SER B 340 -19.26 -9.64 -6.51
C SER B 340 -18.95 -9.22 -7.94
N ASP B 341 -18.46 -10.18 -8.73
CA ASP B 341 -18.19 -9.90 -10.14
C ASP B 341 -19.49 -9.69 -10.91
N GLU B 342 -20.54 -10.43 -10.57
CA GLU B 342 -21.82 -10.27 -11.27
C GLU B 342 -22.48 -8.93 -10.95
N TYR B 343 -22.31 -8.42 -9.73
CA TYR B 343 -22.87 -7.12 -9.38
C TYR B 343 -22.29 -6.01 -10.26
N VAL B 344 -20.97 -6.01 -10.43
CA VAL B 344 -20.32 -4.98 -11.23
C VAL B 344 -20.71 -5.10 -12.69
N ARG B 345 -20.71 -6.32 -13.23
CA ARG B 345 -21.08 -6.49 -14.63
C ARG B 345 -22.55 -6.21 -14.87
N SER B 346 -23.41 -6.42 -13.87
CA SER B 346 -24.80 -6.01 -13.99
C SER B 346 -24.93 -4.49 -13.94
N PHE B 347 -24.13 -3.85 -13.09
CA PHE B 347 -24.15 -2.39 -13.01
C PHE B 347 -23.68 -1.77 -14.32
N ILE B 348 -22.62 -2.33 -14.90
CA ILE B 348 -22.16 -1.86 -16.20
C ILE B 348 -23.21 -2.11 -17.29
N ASP B 349 -23.82 -3.29 -17.27
CA ASP B 349 -24.81 -3.59 -18.30
C ASP B 349 -26.07 -2.76 -18.14
N PHE B 350 -26.37 -2.30 -16.91
CA PHE B 350 -27.51 -1.41 -16.73
C PHE B 350 -27.23 -0.03 -17.31
N GLN B 351 -25.97 0.39 -17.27
CA GLN B 351 -25.58 1.66 -17.87
C GLN B 351 -25.63 1.60 -19.39
N GLU B 352 -25.33 0.43 -19.98
CA GLU B 352 -25.40 0.28 -21.43
C GLU B 352 -26.84 0.37 -21.93
N LEU B 353 -27.80 -0.08 -21.14
CA LEU B 353 -29.19 -0.12 -21.59
C LEU B 353 -29.94 1.17 -21.34
N HIS B 354 -29.60 1.93 -20.29
CA HIS B 354 -30.43 3.06 -19.89
C HIS B 354 -29.61 4.29 -19.54
N HIS B 355 -28.49 4.53 -20.23
CA HIS B 355 -27.70 5.72 -19.94
C HIS B 355 -28.44 7.00 -20.30
N LYS B 356 -29.23 6.97 -21.37
CA LYS B 356 -30.02 8.13 -21.78
C LYS B 356 -31.40 8.16 -21.12
N ASP B 357 -31.72 7.17 -20.30
CA ASP B 357 -32.98 7.14 -19.56
C ASP B 357 -32.88 7.81 -18.20
N GLY B 358 -31.71 8.36 -17.86
CA GLY B 358 -31.54 9.00 -16.57
C GLY B 358 -31.57 8.06 -15.39
N ILE B 359 -30.55 7.22 -15.24
CA ILE B 359 -30.49 6.31 -14.11
C ILE B 359 -30.32 7.12 -12.82
N ASN B 360 -30.97 6.66 -11.75
CA ASN B 360 -30.85 7.30 -10.45
C ASN B 360 -31.28 6.32 -9.37
N ALA B 361 -30.97 6.68 -8.13
CA ALA B 361 -31.32 5.89 -6.97
C ALA B 361 -32.47 6.49 -6.16
N GLY B 362 -32.91 7.70 -6.50
CA GLY B 362 -34.06 8.30 -5.89
C GLY B 362 -33.70 9.44 -4.96
N THR B 363 -34.63 9.74 -4.05
CA THR B 363 -34.45 10.76 -3.03
C THR B 363 -34.04 10.13 -1.72
N GLY B 364 -33.55 10.95 -0.80
CA GLY B 364 -33.13 10.44 0.50
C GLY B 364 -31.95 9.51 0.43
N VAL B 365 -31.04 9.76 -0.51
CA VAL B 365 -29.79 9.02 -0.60
C VAL B 365 -28.75 9.77 0.23
N THR B 366 -28.18 9.11 1.22
CA THR B 366 -27.08 9.65 2.01
C THR B 366 -25.81 8.88 1.65
N GLY B 367 -24.82 9.59 1.13
CA GLY B 367 -23.58 8.96 0.74
C GLY B 367 -22.56 8.97 1.87
N PHE B 368 -21.83 7.87 2.00
CA PHE B 368 -20.82 7.69 3.02
C PHE B 368 -19.52 7.25 2.37
N THR B 369 -18.42 7.89 2.76
CA THR B 369 -17.12 7.68 2.12
C THR B 369 -16.07 7.58 3.22
N ASP B 370 -15.43 6.42 3.30
CA ASP B 370 -14.45 6.17 4.36
C ASP B 370 -13.06 6.42 3.78
N TRP B 371 -12.36 7.42 4.33
CA TRP B 371 -11.05 7.82 3.85
C TRP B 371 -9.98 7.75 4.93
N ARG B 372 -10.28 7.14 6.08
CA ARG B 372 -9.34 7.13 7.20
C ARG B 372 -8.01 6.53 6.80
N TYR B 373 -8.03 5.35 6.19
CA TYR B 373 -6.82 4.57 5.97
C TYR B 373 -6.42 4.52 4.51
N LEU B 374 -6.67 5.60 3.78
CA LEU B 374 -5.89 5.90 2.60
C LEU B 374 -4.47 6.27 3.02
N GLY B 375 -3.52 6.03 2.14
CA GLY B 375 -2.14 6.38 2.43
C GLY B 375 -1.91 7.86 2.21
N HIS B 376 -2.52 8.69 3.04
CA HIS B 376 -2.37 10.14 2.88
C HIS B 376 -0.94 10.57 3.17
N SER B 377 -0.23 9.83 4.02
CA SER B 377 1.10 10.26 4.45
C SER B 377 2.10 10.24 3.30
N THR B 378 1.93 9.33 2.34
CA THR B 378 2.91 9.18 1.26
C THR B 378 2.77 10.23 0.16
N ILE B 379 1.83 11.16 0.29
CA ILE B 379 1.75 12.30 -0.63
C ILE B 379 2.64 13.38 -0.03
N ASP B 380 3.95 13.17 -0.16
CA ASP B 380 4.97 14.01 0.45
C ASP B 380 5.82 14.60 -0.65
N PHE B 381 5.87 15.93 -0.72
CA PHE B 381 6.70 16.64 -1.69
C PHE B 381 8.00 17.17 -1.10
N GLY B 382 8.27 16.89 0.17
CA GLY B 382 9.43 17.45 0.85
C GLY B 382 9.10 18.36 2.03
N TRP B 383 7.82 18.54 2.33
CA TRP B 383 7.38 19.25 3.54
C TRP B 383 6.68 18.32 4.50
N GLY B 384 6.88 17.00 4.36
CA GLY B 384 6.13 16.02 5.12
C GLY B 384 4.79 15.71 4.47
N GLY B 385 4.14 14.68 4.99
CA GLY B 385 2.79 14.37 4.59
C GLY B 385 1.84 15.48 5.03
N PRO B 386 0.62 15.46 4.52
CA PRO B 386 -0.34 16.51 4.88
C PRO B 386 -0.74 16.41 6.34
N VAL B 387 -0.80 17.57 7.01
CA VAL B 387 -1.26 17.56 8.41
C VAL B 387 -2.76 17.28 8.47
N THR B 388 -3.53 17.87 7.57
CA THR B 388 -4.97 17.66 7.49
C THR B 388 -5.39 17.65 6.02
N VAL B 389 -6.42 16.87 5.72
CA VAL B 389 -6.98 16.73 4.38
C VAL B 389 -8.48 17.01 4.46
N LEU B 390 -9.01 17.65 3.41
CA LEU B 390 -10.39 18.11 3.47
C LEU B 390 -11.09 18.04 2.11
N PRO B 391 -12.15 17.23 1.99
CA PRO B 391 -13.00 17.29 0.80
C PRO B 391 -14.06 18.37 0.92
N LEU B 392 -14.37 19.01 -0.21
CA LEU B 392 -15.34 20.09 -0.24
C LEU B 392 -16.62 19.75 -1.00
N SER B 393 -16.57 18.80 -1.92
CA SER B 393 -17.73 18.50 -2.75
C SER B 393 -18.84 17.90 -1.92
N ASN B 394 -20.00 18.57 -1.92
CA ASN B 394 -21.20 18.05 -1.28
C ASN B 394 -22.15 17.39 -2.28
N LYS B 395 -21.70 17.13 -3.49
CA LYS B 395 -22.47 16.38 -4.48
C LYS B 395 -21.70 15.12 -4.81
N LEU B 396 -22.26 13.96 -4.47
CA LEU B 396 -21.47 12.74 -4.42
C LEU B 396 -22.35 11.51 -4.25
N LEU B 397 -22.13 10.48 -5.07
CA LEU B 397 -22.83 9.20 -4.96
C LEU B 397 -24.33 9.35 -5.13
N GLY B 398 -24.74 10.22 -6.05
CA GLY B 398 -26.14 10.53 -6.19
C GLY B 398 -26.77 11.20 -4.99
N SER B 399 -25.96 11.76 -4.09
CA SER B 399 -26.44 12.37 -2.87
C SER B 399 -25.99 13.83 -2.78
N MET B 400 -26.83 14.65 -2.16
CA MET B 400 -26.50 16.05 -1.91
C MET B 400 -25.98 16.28 -0.50
N GLU B 401 -26.03 15.26 0.37
CA GLU B 401 -25.58 15.34 1.75
C GLU B 401 -24.63 14.18 2.06
N PRO B 402 -23.42 14.22 1.49
CA PRO B 402 -22.48 13.10 1.67
C PRO B 402 -21.64 13.27 2.93
N CYS B 403 -21.29 12.13 3.52
CA CYS B 403 -20.57 12.10 4.78
C CYS B 403 -19.20 11.45 4.57
N PHE B 404 -18.16 12.05 5.13
CA PHE B 404 -16.80 11.59 4.97
C PHE B 404 -16.22 11.17 6.32
N PHE B 405 -15.53 10.04 6.33
CA PHE B 405 -14.68 9.65 7.45
C PHE B 405 -13.25 10.06 7.13
N LEU B 406 -12.65 10.87 8.00
CA LEU B 406 -11.37 11.49 7.74
C LEU B 406 -10.35 11.09 8.80
N PRO B 407 -9.03 11.15 8.48
CA PRO B 407 -7.98 10.73 9.42
C PRO B 407 -7.95 11.56 10.71
N ASP B 419 -8.74 10.82 23.84
CA ASP B 419 -8.44 11.82 22.81
C ASP B 419 -7.95 11.15 21.52
N SER B 420 -8.39 9.91 21.30
CA SER B 420 -7.85 9.08 20.22
C SER B 420 -9.00 8.64 19.30
N GLY B 421 -9.08 9.28 18.13
CA GLY B 421 -10.12 8.95 17.18
C GLY B 421 -9.93 9.60 15.80
N PHE B 422 -11.02 9.72 15.06
CA PHE B 422 -10.98 10.28 13.71
C PHE B 422 -12.10 11.29 13.54
N LYS B 423 -12.04 12.03 12.44
CA LYS B 423 -12.97 13.11 12.15
C LYS B 423 -14.08 12.61 11.25
N VAL B 424 -15.32 12.82 11.66
CA VAL B 424 -16.49 12.57 10.83
C VAL B 424 -16.97 13.89 10.25
N LEU B 425 -16.87 14.02 8.92
CA LEU B 425 -17.38 15.17 8.19
C LEU B 425 -18.76 14.84 7.65
N VAL B 426 -19.73 15.71 7.92
CA VAL B 426 -21.08 15.55 7.41
C VAL B 426 -21.45 16.81 6.64
N ASN B 427 -22.20 16.63 5.57
CA ASN B 427 -22.87 17.72 4.86
C ASN B 427 -24.37 17.54 5.09
N LEU B 428 -25.03 18.62 5.50
CA LEU B 428 -26.41 18.52 5.93
C LEU B 428 -27.17 19.79 5.57
N ARG B 429 -28.46 19.63 5.30
CA ARG B 429 -29.31 20.79 5.05
C ARG B 429 -29.38 21.65 6.31
N GLU B 430 -29.36 22.97 6.12
CA GLU B 430 -29.34 23.90 7.25
C GLU B 430 -30.51 23.69 8.20
N SER B 431 -31.64 23.19 7.68
CA SER B 431 -32.83 22.98 8.49
C SER B 431 -32.62 21.90 9.55
N ALA B 432 -31.68 20.97 9.30
CA ALA B 432 -31.50 19.80 10.15
C ALA B 432 -30.18 19.78 10.90
N MET B 433 -29.32 20.79 10.72
CA MET B 433 -28.03 20.80 11.41
C MET B 433 -28.15 20.89 12.92
N PRO B 434 -29.02 21.76 13.50
CA PRO B 434 -29.10 21.80 14.97
C PRO B 434 -29.38 20.46 15.64
N GLU B 435 -30.41 19.73 15.20
CA GLU B 435 -30.73 18.48 15.87
C GLU B 435 -29.64 17.43 15.66
N PHE B 436 -28.90 17.51 14.54
CA PHE B 436 -27.82 16.58 14.31
C PHE B 436 -26.61 16.87 15.19
N LYS B 437 -26.29 18.17 15.37
CA LYS B 437 -25.25 18.56 16.31
C LYS B 437 -25.55 17.99 17.71
N GLU B 438 -26.83 17.96 18.09
CA GLU B 438 -27.23 17.38 19.37
C GLU B 438 -27.05 15.87 19.38
N ALA B 439 -27.47 15.20 18.30
CA ALA B 439 -27.36 13.75 18.24
C ALA B 439 -25.91 13.28 18.25
N MET B 440 -24.97 14.14 17.83
CA MET B 440 -23.57 13.78 17.91
C MET B 440 -23.01 14.00 19.31
N ASP B 441 -23.54 14.98 20.04
CA ASP B 441 -23.09 15.21 21.41
C ASP B 441 -23.54 14.08 22.32
N LYS B 442 -24.74 13.54 22.08
CA LYS B 442 -25.18 12.36 22.83
C LYS B 442 -24.26 11.18 22.54
N PHE B 443 -23.81 11.04 21.29
CA PHE B 443 -22.80 10.03 20.95
C PHE B 443 -21.51 10.29 21.71
N HIS B 444 -21.07 11.55 21.73
CA HIS B 444 -19.86 11.96 22.44
C HIS B 444 -19.98 11.78 23.95
N LYS B 445 -21.17 11.35 24.43
CA LYS B 445 -21.41 11.14 25.85
C LYS B 445 -21.87 9.72 26.15
N GLY B 446 -21.84 8.82 25.17
CA GLY B 446 -22.25 7.44 25.37
C GLY B 446 -23.73 7.20 25.46
N GLU B 447 -24.55 8.26 25.47
CA GLU B 447 -26.01 8.13 25.49
C GLU B 447 -26.47 7.90 24.05
N PHE B 448 -26.36 6.63 23.63
CA PHE B 448 -26.61 6.25 22.24
C PHE B 448 -28.09 6.02 21.93
N ALA B 449 -28.91 5.72 22.93
CA ALA B 449 -30.34 5.45 22.74
C ALA B 449 -30.54 4.41 21.63
N LEU B 450 -30.00 3.21 21.88
CA LEU B 450 -29.96 2.16 20.86
C LEU B 450 -31.35 1.71 20.42
N SER B 451 -32.39 2.06 21.16
CA SER B 451 -33.74 1.70 20.77
C SER B 451 -34.68 2.90 20.89
#